data_4KXX
#
_entry.id   4KXX
#
_cell.length_a   113.675
_cell.length_b   86.097
_cell.length_c   73.017
_cell.angle_alpha   90.00
_cell.angle_beta   125.43
_cell.angle_gamma   90.00
#
_symmetry.space_group_name_H-M   'C 1 2 1'
#
loop_
_entity.id
_entity.type
_entity.pdbx_description
1 polymer Transketolase
2 non-polymer '(2R,3R,4S,5R,6S)-2,3,4,5,6,7-hexahydroxyheptyl dihydrogen phosphate'
3 non-polymer 'THIAMINE DIPHOSPHATE'
4 non-polymer 1,2-ETHANEDIOL
5 non-polymer 'MAGNESIUM ION'
6 non-polymer 'SODIUM ION'
7 water water
#
_entity_poly.entity_id   1
_entity_poly.type   'polypeptide(L)'
_entity_poly.pdbx_seq_one_letter_code
;MESYHKPDQQKLQALKDTANRLRISSIQATTAAGSGHPTSCCSAAEIMAVLFFHTMRYKSQDPRNPHNDRFVLSKGHAAP
ILYAVWAEAGFLAEAELLNLRKISSDLDGHPVPKQAFTDVATGSLGQGLGAACGMAYTGKYFDKASYRVYCLLGDGELSE
GSVWEAMAFASIYKLDNLVAILDINRLGQSDPAPLQHQMDIYQKRCEAFGWHAIIVDGHSVEELCKAFGQAKHQPTAIIA
KTFKGRGITGVEDKESWHGKPLPKNMAEQIIQEIYSQIQSKKKILATPPQEDAPSVDIANIRMPSLPSYKVGDKIATRKA
YGQALAKLGHASDRIIALDGDTKNSTFSEIFKKEHPDRFIECYIAEQNMVSIAVGCATRNRTVPFCSTFAAFFTRAFDQI
RMAAISESNINLCGSHCGVSIGEDGPSQMALEDLAMFRSVPTSTVFYPSDGVATEKAVELAANTKGICFIRTSRPENAII
YNNNEDFQVGQAKVVLKSKDDQVTVIGAGVTLHEALAAAELLKKEKINIRVLDPFTIKPLDRKLILDSARATKGRILTVE
DHYYEGGIGEAVSSAVVGEPGITVTHLAVNRVPRSGKPAELLKMFGIDRDAIAQAVRGLITKALVPRGSLEHHHHHH
;
_entity_poly.pdbx_strand_id   A
#
loop_
_chem_comp.id
_chem_comp.type
_chem_comp.name
_chem_comp.formula
1Y7 non-polymer '(2R,3R,4S,5R,6S)-2,3,4,5,6,7-hexahydroxyheptyl dihydrogen phosphate' 'C7 H17 O10 P'
EDO non-polymer 1,2-ETHANEDIOL 'C2 H6 O2'
MG non-polymer 'MAGNESIUM ION' 'Mg 2'
NA non-polymer 'SODIUM ION' 'Na 1'
TPP non-polymer 'THIAMINE DIPHOSPHATE' 'C12 H19 N4 O7 P2 S 1'
#
# COMPACT_ATOMS: atom_id res chain seq x y z
N MET A 1 -19.44 21.74 15.83
CA MET A 1 -19.69 23.11 15.40
C MET A 1 -18.51 23.69 14.60
N GLU A 2 -17.52 24.04 15.39
CA GLU A 2 -16.30 24.79 15.41
C GLU A 2 -15.76 25.14 16.80
N SER A 3 -16.58 25.71 17.69
N SER A 3 -16.44 25.86 17.68
CA SER A 3 -16.24 25.77 19.10
CA SER A 3 -16.02 25.82 19.08
C SER A 3 -16.31 24.35 19.69
C SER A 3 -16.17 24.37 19.59
N TYR A 4 -15.34 24.01 20.55
CA TYR A 4 -15.54 22.77 21.34
C TYR A 4 -16.87 22.86 22.05
N HIS A 5 -17.68 21.81 21.97
CA HIS A 5 -18.90 21.72 22.80
C HIS A 5 -18.55 20.94 24.04
N LYS A 6 -18.48 21.63 25.17
CA LYS A 6 -18.05 20.96 26.41
C LYS A 6 -19.20 20.16 26.95
N PRO A 7 -19.10 18.84 26.99
CA PRO A 7 -20.27 18.01 27.32
C PRO A 7 -20.69 18.11 28.78
N ASP A 8 -22.02 17.95 28.95
CA ASP A 8 -22.58 17.87 30.30
C ASP A 8 -22.49 16.42 30.81
N GLN A 9 -22.76 16.20 32.10
N GLN A 9 -22.92 16.26 32.06
CA GLN A 9 -22.67 14.87 32.67
CA GLN A 9 -22.84 14.92 32.65
C GLN A 9 -23.62 13.92 31.96
C GLN A 9 -23.74 13.96 31.90
N GLN A 10 -24.77 14.39 31.45
N GLN A 10 -24.92 14.39 31.37
CA GLN A 10 -25.64 13.44 30.72
CA GLN A 10 -25.77 13.47 30.62
C GLN A 10 -25.04 13.01 29.37
C GLN A 10 -25.09 13.00 29.33
N LYS A 11 -24.45 13.94 28.62
CA LYS A 11 -23.72 13.56 27.41
C LYS A 11 -22.58 12.61 27.76
N LEU A 12 -21.84 12.90 28.84
CA LEU A 12 -20.78 12.00 29.27
C LEU A 12 -21.32 10.62 29.63
N GLN A 13 -22.43 10.59 30.35
CA GLN A 13 -23.05 9.29 30.67
C GLN A 13 -23.48 8.55 29.41
N ALA A 14 -24.04 9.28 28.42
CA ALA A 14 -24.40 8.66 27.14
C ALA A 14 -23.17 8.11 26.41
N LEU A 15 -22.04 8.79 26.50
CA LEU A 15 -20.82 8.25 25.90
C LEU A 15 -20.32 7.00 26.62
N LYS A 16 -20.46 6.95 27.92
CA LYS A 16 -20.14 5.76 28.73
C LYS A 16 -21.07 4.62 28.31
N ASP A 17 -22.37 4.91 28.26
CA ASP A 17 -23.34 3.92 27.82
C ASP A 17 -23.00 3.39 26.43
N THR A 18 -22.60 4.28 25.53
CA THR A 18 -22.17 3.92 24.20
C THR A 18 -20.97 2.99 24.28
N ALA A 19 -19.94 3.37 25.03
CA ALA A 19 -18.76 2.51 25.16
C ALA A 19 -19.13 1.12 25.63
N ASN A 20 -20.04 1.04 26.61
CA ASN A 20 -20.48 -0.26 27.13
C ASN A 20 -21.31 -1.03 26.13
N ARG A 21 -22.16 -0.38 25.33
CA ARG A 21 -22.83 -1.09 24.21
C ARG A 21 -21.80 -1.66 23.24
N LEU A 22 -20.75 -0.89 22.97
CA LEU A 22 -19.72 -1.35 22.02
C LEU A 22 -18.98 -2.56 22.60
N ARG A 23 -18.74 -2.60 23.90
CA ARG A 23 -18.18 -3.80 24.56
C ARG A 23 -19.08 -4.99 24.39
N ILE A 24 -20.38 -4.79 24.71
CA ILE A 24 -21.31 -5.89 24.59
C ILE A 24 -21.33 -6.46 23.18
N SER A 25 -21.42 -5.59 22.18
CA SER A 25 -21.45 -6.07 20.78
C SER A 25 -20.20 -6.82 20.40
N SER A 26 -19.03 -6.28 20.81
CA SER A 26 -17.77 -6.94 20.49
C SER A 26 -17.73 -8.35 21.06
N ILE A 27 -18.19 -8.52 22.28
CA ILE A 27 -18.27 -9.83 22.92
C ILE A 27 -19.27 -10.73 22.20
N GLN A 28 -20.48 -10.21 21.95
CA GLN A 28 -21.52 -11.02 21.31
C GLN A 28 -21.05 -11.51 19.96
N ALA A 29 -20.44 -10.63 19.16
CA ALA A 29 -20.08 -10.99 17.80
C ALA A 29 -18.96 -12.03 17.80
N THR A 30 -17.94 -11.82 18.64
CA THR A 30 -16.81 -12.76 18.64
C THR A 30 -17.21 -14.09 19.29
N THR A 31 -18.07 -14.08 20.31
CA THR A 31 -18.59 -15.36 20.84
C THR A 31 -19.41 -16.09 19.77
N ALA A 32 -20.23 -15.35 19.01
CA ALA A 32 -21.02 -15.99 17.96
C ALA A 32 -20.07 -16.56 16.92
N ALA A 33 -19.04 -15.83 16.52
CA ALA A 33 -18.12 -16.31 15.50
C ALA A 33 -17.30 -17.48 15.97
N GLY A 34 -16.97 -17.53 17.25
CA GLY A 34 -16.02 -18.48 17.82
C GLY A 34 -14.57 -18.06 17.63
N SER A 35 -14.31 -16.83 17.22
CA SER A 35 -12.95 -16.30 17.04
C SER A 35 -13.04 -14.79 17.07
N GLY A 36 -11.89 -14.15 17.23
CA GLY A 36 -11.79 -12.72 17.32
C GLY A 36 -11.17 -12.27 18.61
N HIS A 37 -11.22 -10.94 18.84
CA HIS A 37 -10.33 -10.27 19.77
C HIS A 37 -11.10 -9.34 20.69
N PRO A 38 -12.06 -9.84 21.47
CA PRO A 38 -12.85 -8.95 22.29
C PRO A 38 -12.04 -8.14 23.29
N THR A 39 -10.95 -8.69 23.84
CA THR A 39 -10.21 -7.90 24.81
C THR A 39 -9.53 -6.68 24.17
N SER A 40 -9.17 -6.80 22.91
CA SER A 40 -8.56 -5.70 22.16
C SER A 40 -9.60 -4.67 21.77
N CYS A 41 -10.85 -5.08 21.64
CA CYS A 41 -11.95 -4.15 21.43
C CYS A 41 -12.22 -3.35 22.70
N CYS A 42 -12.26 -4.07 23.83
CA CYS A 42 -12.72 -3.48 25.08
C CYS A 42 -11.79 -2.38 25.64
N SER A 43 -10.48 -2.47 25.40
CA SER A 43 -9.59 -1.40 25.84
C SER A 43 -9.90 -0.09 25.07
N ALA A 44 -10.44 -0.18 23.89
CA ALA A 44 -10.65 0.95 23.01
C ALA A 44 -12.07 1.52 23.08
N ALA A 45 -12.93 0.98 23.97
CA ALA A 45 -14.36 1.32 23.85
C ALA A 45 -14.67 2.79 24.11
N GLU A 46 -14.08 3.41 25.15
CA GLU A 46 -14.32 4.83 25.36
C GLU A 46 -13.72 5.67 24.25
N ILE A 47 -12.53 5.31 23.77
CA ILE A 47 -11.95 6.02 22.63
C ILE A 47 -12.90 6.04 21.43
N MET A 48 -13.42 4.86 21.08
CA MET A 48 -14.32 4.75 19.95
C MET A 48 -15.60 5.55 20.17
N ALA A 49 -16.19 5.43 21.36
CA ALA A 49 -17.43 6.15 21.64
C ALA A 49 -17.22 7.67 21.48
N VAL A 50 -16.15 8.17 22.08
CA VAL A 50 -15.90 9.61 22.04
C VAL A 50 -15.58 10.06 20.60
N LEU A 51 -14.72 9.34 19.87
CA LEU A 51 -14.43 9.75 18.48
C LEU A 51 -15.70 9.80 17.66
N PHE A 52 -16.50 8.72 17.68
CA PHE A 52 -17.63 8.63 16.76
C PHE A 52 -18.82 9.45 17.20
N PHE A 53 -18.97 9.73 18.50
CA PHE A 53 -20.19 10.36 19.03
C PHE A 53 -19.93 11.66 19.78
N HIS A 54 -18.72 12.20 19.72
CA HIS A 54 -18.46 13.56 20.18
C HIS A 54 -17.53 14.33 19.23
N THR A 55 -16.39 13.74 18.92
CA THR A 55 -15.35 14.48 18.22
C THR A 55 -15.48 14.56 16.71
N MET A 56 -15.67 13.42 16.06
N MET A 56 -15.61 13.42 16.06
CA MET A 56 -15.61 13.33 14.61
CA MET A 56 -15.56 13.43 14.61
C MET A 56 -16.85 13.97 13.96
C MET A 56 -16.83 13.92 13.95
N ARG A 57 -16.64 14.37 12.71
CA ARG A 57 -17.70 14.88 11.87
C ARG A 57 -17.74 14.06 10.58
N TYR A 58 -18.91 13.50 10.31
CA TYR A 58 -19.02 12.59 9.15
C TYR A 58 -20.49 12.37 8.88
N LYS A 59 -20.83 12.00 7.66
CA LYS A 59 -22.15 11.61 7.24
C LYS A 59 -22.37 10.13 7.55
N SER A 60 -23.25 9.82 8.49
CA SER A 60 -23.43 8.44 8.96
C SER A 60 -24.00 7.56 7.89
N GLN A 61 -24.74 8.17 6.95
CA GLN A 61 -25.31 7.37 5.87
C GLN A 61 -24.41 7.38 4.64
N ASP A 62 -23.25 7.99 4.63
CA ASP A 62 -22.37 8.07 3.47
C ASP A 62 -20.92 8.07 3.97
N PRO A 63 -20.48 6.88 4.42
CA PRO A 63 -19.14 6.82 5.04
C PRO A 63 -18.00 7.27 4.14
N ARG A 64 -18.13 7.10 2.82
CA ARG A 64 -17.07 7.46 1.88
C ARG A 64 -17.11 8.92 1.47
N ASN A 65 -18.07 9.69 2.02
CA ASN A 65 -18.21 11.09 1.60
C ASN A 65 -16.87 11.85 1.71
N PRO A 66 -16.49 12.60 0.68
CA PRO A 66 -15.16 13.22 0.66
C PRO A 66 -14.99 14.32 1.71
N HIS A 67 -16.07 14.79 2.29
CA HIS A 67 -15.98 15.85 3.30
C HIS A 67 -15.78 15.29 4.69
N ASN A 68 -15.97 13.98 4.87
CA ASN A 68 -15.92 13.41 6.19
C ASN A 68 -14.55 13.43 6.84
N ASP A 69 -14.48 13.55 8.16
CA ASP A 69 -13.30 13.12 8.89
C ASP A 69 -13.01 11.67 8.53
N ARG A 70 -11.73 11.33 8.56
CA ARG A 70 -11.25 9.97 8.37
C ARG A 70 -10.89 9.34 9.70
N PHE A 71 -11.21 8.06 9.81
CA PHE A 71 -10.80 7.22 10.94
C PHE A 71 -10.09 5.99 10.36
N VAL A 72 -8.88 5.71 10.86
CA VAL A 72 -8.13 4.54 10.45
C VAL A 72 -7.90 3.68 11.69
N LEU A 73 -8.42 2.44 11.64
CA LEU A 73 -8.22 1.46 12.69
C LEU A 73 -6.94 0.73 12.42
N SER A 74 -5.79 1.24 12.89
CA SER A 74 -4.52 0.61 12.58
C SER A 74 -4.40 -0.77 13.23
N LYS A 75 -4.92 -0.88 14.47
CA LYS A 75 -5.03 -2.14 15.20
C LYS A 75 -6.29 -2.85 14.68
N GLY A 76 -6.18 -3.42 13.48
CA GLY A 76 -7.34 -3.89 12.74
C GLY A 76 -8.09 -5.03 13.34
N HIS A 77 -7.45 -5.79 14.21
CA HIS A 77 -8.11 -6.90 14.92
C HIS A 77 -9.17 -6.42 15.89
N ALA A 78 -9.26 -5.11 16.13
CA ALA A 78 -10.41 -4.56 16.84
C ALA A 78 -11.58 -4.29 15.90
N ALA A 79 -11.60 -4.89 14.70
CA ALA A 79 -12.69 -4.75 13.74
C ALA A 79 -14.07 -4.85 14.38
N PRO A 80 -14.36 -5.79 15.28
CA PRO A 80 -15.75 -5.87 15.80
C PRO A 80 -16.24 -4.59 16.40
N ILE A 81 -15.37 -3.76 17.02
CA ILE A 81 -15.84 -2.52 17.61
C ILE A 81 -16.01 -1.45 16.58
N LEU A 82 -15.22 -1.50 15.48
CA LEU A 82 -15.49 -0.66 14.32
C LEU A 82 -16.89 -0.94 13.74
N TYR A 83 -17.21 -2.23 13.60
CA TYR A 83 -18.52 -2.59 13.04
C TYR A 83 -19.61 -2.07 14.00
N ALA A 84 -19.39 -2.27 15.30
CA ALA A 84 -20.36 -1.84 16.28
C ALA A 84 -20.61 -0.33 16.25
N VAL A 85 -19.58 0.54 16.10
N VAL A 85 -19.53 0.42 16.01
CA VAL A 85 -19.87 1.97 16.04
CA VAL A 85 -19.74 1.87 15.98
C VAL A 85 -20.69 2.28 14.78
C VAL A 85 -20.56 2.32 14.78
N TRP A 86 -20.42 1.62 13.65
CA TRP A 86 -21.19 1.95 12.43
C TRP A 86 -22.64 1.46 12.54
N ALA A 87 -22.91 0.44 13.32
CA ALA A 87 -24.28 0.07 13.70
C ALA A 87 -24.86 1.12 14.61
N GLU A 88 -24.09 1.51 15.63
CA GLU A 88 -24.54 2.54 16.56
C GLU A 88 -24.88 3.84 15.83
N ALA A 89 -24.10 4.21 14.82
CA ALA A 89 -24.33 5.36 14.00
C ALA A 89 -25.50 5.21 13.03
N GLY A 90 -26.07 4.00 12.89
CA GLY A 90 -27.23 3.82 12.03
C GLY A 90 -26.94 3.37 10.62
N PHE A 91 -25.69 3.15 10.21
CA PHE A 91 -25.33 2.71 8.87
C PHE A 91 -25.54 1.22 8.68
N LEU A 92 -25.07 0.43 9.62
N LEU A 92 -25.08 0.43 9.62
CA LEU A 92 -25.17 -1.01 9.67
CA LEU A 92 -25.09 -1.01 9.54
C LEU A 92 -26.40 -1.43 10.48
C LEU A 92 -26.21 -1.54 10.42
N ALA A 93 -27.01 -2.49 9.98
CA ALA A 93 -28.05 -3.11 10.76
C ALA A 93 -27.43 -3.83 12.00
N GLU A 94 -27.98 -3.59 13.18
N GLU A 94 -28.11 -3.63 13.12
CA GLU A 94 -27.44 -4.21 14.40
CA GLU A 94 -27.72 -4.18 14.39
C GLU A 94 -27.43 -5.73 14.25
C GLU A 94 -27.52 -5.69 14.33
N ALA A 95 -28.44 -6.37 13.66
CA ALA A 95 -28.43 -7.85 13.60
C ALA A 95 -27.23 -8.38 12.83
N GLU A 96 -26.71 -7.59 11.89
CA GLU A 96 -25.63 -8.07 11.02
C GLU A 96 -24.37 -8.25 11.84
N LEU A 97 -24.22 -7.54 12.95
CA LEU A 97 -23.00 -7.66 13.76
C LEU A 97 -22.74 -9.11 14.17
N LEU A 98 -23.81 -9.87 14.40
CA LEU A 98 -23.67 -11.24 14.86
C LEU A 98 -23.16 -12.18 13.78
N ASN A 99 -23.07 -11.69 12.55
CA ASN A 99 -22.56 -12.49 11.40
C ASN A 99 -21.08 -12.25 11.14
N LEU A 100 -20.39 -11.60 12.09
CA LEU A 100 -18.96 -11.44 12.05
C LEU A 100 -18.26 -12.72 11.57
N ARG A 101 -17.34 -12.57 10.60
CA ARG A 101 -16.44 -13.61 10.14
C ARG A 101 -17.13 -14.71 9.35
N LYS A 102 -18.41 -14.61 9.06
CA LYS A 102 -19.10 -15.60 8.23
C LYS A 102 -18.87 -15.36 6.75
N ILE A 103 -18.86 -16.46 5.99
CA ILE A 103 -18.72 -16.37 4.54
C ILE A 103 -19.90 -15.72 3.85
N SER A 104 -21.02 -15.60 4.57
CA SER A 104 -22.22 -14.93 4.12
C SER A 104 -22.28 -13.43 4.45
N SER A 105 -21.23 -12.92 5.07
CA SER A 105 -21.16 -11.53 5.53
C SER A 105 -19.92 -10.83 4.97
N ASP A 106 -20.00 -9.48 4.98
CA ASP A 106 -18.82 -8.66 4.70
C ASP A 106 -18.23 -8.07 5.98
N LEU A 107 -18.66 -8.50 7.15
CA LEU A 107 -18.05 -8.10 8.42
C LEU A 107 -16.90 -9.05 8.74
N ASP A 108 -15.84 -8.95 7.93
CA ASP A 108 -14.76 -9.91 7.98
C ASP A 108 -13.90 -9.65 9.21
N GLY A 109 -12.94 -10.49 9.43
CA GLY A 109 -12.12 -10.65 10.59
C GLY A 109 -11.31 -9.37 10.87
N HIS A 110 -10.85 -8.77 9.78
CA HIS A 110 -10.17 -7.48 9.83
C HIS A 110 -10.80 -6.57 8.79
N PRO A 111 -10.72 -5.24 8.95
CA PRO A 111 -11.45 -4.34 8.05
C PRO A 111 -10.89 -4.39 6.61
N VAL A 112 -11.80 -4.25 5.62
CA VAL A 112 -11.47 -4.32 4.22
C VAL A 112 -12.39 -3.38 3.45
N PRO A 113 -11.94 -2.86 2.31
CA PRO A 113 -12.69 -1.79 1.62
C PRO A 113 -13.95 -2.20 0.88
N LYS A 114 -14.30 -3.49 0.87
CA LYS A 114 -15.68 -3.88 0.53
C LYS A 114 -16.68 -3.26 1.52
N GLN A 115 -16.23 -2.87 2.68
CA GLN A 115 -17.02 -2.12 3.66
C GLN A 115 -16.96 -0.64 3.32
N ALA A 116 -18.12 0.01 3.20
CA ALA A 116 -18.11 1.43 2.82
C ALA A 116 -17.38 2.32 3.82
N PHE A 117 -17.38 1.89 5.06
CA PHE A 117 -16.73 2.63 6.13
C PHE A 117 -15.25 2.36 6.29
N THR A 118 -14.68 1.57 5.36
CA THR A 118 -13.26 1.26 5.42
C THR A 118 -12.56 1.78 4.16
N ASP A 119 -11.49 2.55 4.33
CA ASP A 119 -10.68 3.00 3.19
C ASP A 119 -9.51 2.07 2.88
N VAL A 120 -8.79 1.64 3.90
N VAL A 120 -8.88 1.59 3.94
CA VAL A 120 -7.61 0.80 3.75
CA VAL A 120 -7.63 0.85 3.85
C VAL A 120 -7.86 -0.41 4.65
C VAL A 120 -7.69 -0.35 4.78
N ALA A 121 -7.35 -1.55 4.18
CA ALA A 121 -7.33 -2.78 4.95
C ALA A 121 -6.12 -2.60 5.93
N THR A 122 -6.14 -3.04 7.22
N THR A 122 -6.52 -3.03 7.13
CA THR A 122 -4.99 -2.78 8.17
CA THR A 122 -5.47 -3.30 8.10
C THR A 122 -4.51 -3.95 9.04
C THR A 122 -5.58 -4.73 8.61
N GLY A 123 -4.89 -5.15 8.71
N GLY A 123 -4.63 -5.05 9.45
CA GLY A 123 -4.61 -6.34 9.48
CA GLY A 123 -4.47 -6.38 9.99
C GLY A 123 -3.18 -6.64 9.85
C GLY A 123 -3.01 -6.77 9.99
N SER A 124 -2.23 -6.22 9.02
CA SER A 124 -0.80 -6.23 9.24
C SER A 124 -0.45 -4.98 10.02
N LEU A 125 -0.02 -5.19 11.25
CA LEU A 125 0.14 -4.09 12.19
C LEU A 125 1.19 -3.09 11.75
N GLY A 126 1.00 -1.85 12.16
CA GLY A 126 1.98 -0.80 11.95
C GLY A 126 1.86 -0.04 10.67
N GLN A 127 0.82 -0.26 9.90
CA GLN A 127 0.69 0.37 8.58
C GLN A 127 -0.37 1.48 8.55
N GLY A 128 -1.30 1.48 9.47
CA GLY A 128 -2.39 2.42 9.38
C GLY A 128 -1.99 3.85 9.50
N LEU A 129 -1.02 4.16 10.36
CA LEU A 129 -0.60 5.54 10.57
C LEU A 129 -0.02 6.12 9.30
N GLY A 130 0.73 5.34 8.52
CA GLY A 130 1.21 5.83 7.26
C GLY A 130 0.10 6.16 6.27
N ALA A 131 -0.93 5.28 6.20
CA ALA A 131 -2.08 5.63 5.36
C ALA A 131 -2.75 6.89 5.82
N ALA A 132 -2.90 7.01 7.13
CA ALA A 132 -3.50 8.19 7.74
C ALA A 132 -2.70 9.46 7.41
N CYS A 133 -1.38 9.35 7.43
CA CYS A 133 -0.53 10.46 7.03
C CYS A 133 -0.81 10.87 5.59
N GLY A 134 -1.00 9.91 4.67
CA GLY A 134 -1.34 10.26 3.31
C GLY A 134 -2.69 10.96 3.21
N MET A 135 -3.66 10.50 3.95
CA MET A 135 -4.97 11.14 4.00
C MET A 135 -4.82 12.58 4.53
N ALA A 136 -4.08 12.76 5.61
CA ALA A 136 -3.91 14.10 6.21
C ALA A 136 -3.13 15.02 5.30
N TYR A 137 -2.07 14.54 4.66
CA TYR A 137 -1.33 15.34 3.70
C TYR A 137 -2.23 15.79 2.59
N THR A 138 -3.04 14.87 2.07
CA THR A 138 -4.00 15.17 1.02
C THR A 138 -4.97 16.23 1.53
N GLY A 139 -5.53 16.06 2.73
CA GLY A 139 -6.45 17.02 3.26
C GLY A 139 -5.91 18.44 3.37
N LYS A 140 -4.67 18.55 3.85
CA LYS A 140 -4.09 19.85 4.13
C LYS A 140 -3.55 20.51 2.86
N TYR A 141 -2.91 19.72 1.98
CA TYR A 141 -2.13 20.31 0.88
C TYR A 141 -2.75 20.14 -0.50
N PHE A 142 -3.58 19.15 -0.71
CA PHE A 142 -4.19 18.89 -2.01
C PHE A 142 -5.65 19.28 -2.04
N ASP A 143 -6.45 18.65 -1.20
CA ASP A 143 -7.86 19.01 -1.07
C ASP A 143 -8.02 20.37 -0.42
N LYS A 144 -7.13 20.73 0.48
CA LYS A 144 -7.20 21.98 1.21
C LYS A 144 -8.58 22.15 1.89
N ALA A 145 -8.94 21.09 2.61
CA ALA A 145 -10.25 20.90 3.20
C ALA A 145 -10.17 20.84 4.71
N SER A 146 -11.34 20.85 5.38
N SER A 146 -11.34 20.85 5.36
CA SER A 146 -11.40 20.95 6.84
CA SER A 146 -11.38 20.95 6.81
C SER A 146 -11.42 19.60 7.55
C SER A 146 -11.27 19.62 7.53
N TYR A 147 -11.47 18.51 6.84
CA TYR A 147 -11.55 17.21 7.50
C TYR A 147 -10.27 16.92 8.26
N ARG A 148 -10.42 16.22 9.36
CA ARG A 148 -9.34 15.73 10.19
C ARG A 148 -9.20 14.22 10.05
N VAL A 149 -8.05 13.69 10.48
CA VAL A 149 -7.73 12.29 10.34
C VAL A 149 -7.32 11.78 11.71
N TYR A 150 -7.98 10.66 12.10
CA TYR A 150 -7.78 10.04 13.40
C TYR A 150 -7.31 8.59 13.19
N CYS A 151 -6.26 8.16 13.87
CA CYS A 151 -5.72 6.83 13.66
C CYS A 151 -5.47 6.18 15.01
N LEU A 152 -6.14 5.04 15.25
CA LEU A 152 -6.03 4.27 16.49
C LEU A 152 -5.04 3.10 16.32
N LEU A 153 -4.03 3.10 17.19
CA LEU A 153 -2.93 2.14 17.21
C LEU A 153 -2.92 1.35 18.54
N GLY A 154 -2.41 0.14 18.46
CA GLY A 154 -2.07 -0.59 19.65
C GLY A 154 -0.73 -0.22 20.20
N ASP A 155 -0.41 -0.72 21.43
CA ASP A 155 0.91 -0.45 22.01
C ASP A 155 1.95 -1.44 21.54
N GLY A 156 1.65 -2.74 21.46
CA GLY A 156 2.54 -3.68 20.83
C GLY A 156 2.89 -3.25 19.40
N GLU A 157 1.87 -2.77 18.69
CA GLU A 157 2.00 -2.27 17.32
C GLU A 157 3.09 -1.24 17.16
N LEU A 158 3.32 -0.45 18.20
N LEU A 158 3.35 -0.41 18.17
CA LEU A 158 4.31 0.63 18.16
CA LEU A 158 4.34 0.64 18.02
C LEU A 158 5.73 0.11 18.08
C LEU A 158 5.77 0.11 18.03
N SER A 159 5.97 -1.19 18.20
CA SER A 159 7.27 -1.77 17.95
C SER A 159 7.61 -1.82 16.46
N GLU A 160 6.65 -1.64 15.57
CA GLU A 160 6.95 -1.66 14.14
C GLU A 160 7.65 -0.36 13.71
N GLY A 161 8.79 -0.50 13.03
CA GLY A 161 9.49 0.67 12.60
C GLY A 161 8.70 1.57 11.63
N SER A 162 7.82 0.96 10.85
CA SER A 162 6.98 1.73 9.96
C SER A 162 6.17 2.80 10.68
N VAL A 163 5.77 2.50 11.94
CA VAL A 163 5.03 3.51 12.68
C VAL A 163 5.87 4.78 12.89
N TRP A 164 7.17 4.59 13.20
CA TRP A 164 8.07 5.70 13.50
C TRP A 164 8.44 6.46 12.24
N GLU A 165 8.49 5.78 11.09
CA GLU A 165 8.62 6.52 9.82
C GLU A 165 7.44 7.46 9.65
N ALA A 166 6.22 6.98 9.95
CA ALA A 166 5.04 7.83 9.85
C ALA A 166 5.06 8.96 10.86
N MET A 167 5.48 8.66 12.09
N MET A 167 5.55 8.68 12.07
CA MET A 167 5.62 9.67 13.13
CA MET A 167 5.53 9.85 12.99
C MET A 167 6.52 10.82 12.61
C MET A 167 6.50 10.91 12.50
N ALA A 168 7.67 10.47 12.04
CA ALA A 168 8.61 11.47 11.56
C ALA A 168 8.05 12.23 10.35
N PHE A 169 7.38 11.52 9.43
CA PHE A 169 6.75 12.16 8.29
C PHE A 169 5.77 13.25 8.72
N ALA A 170 4.92 12.90 9.68
CA ALA A 170 3.89 13.82 10.10
C ALA A 170 4.47 15.11 10.70
N SER A 171 5.55 15.00 11.43
N SER A 171 5.59 15.02 11.39
N SER A 171 5.61 14.99 11.36
CA SER A 171 6.17 16.24 11.95
CA SER A 171 6.29 16.17 11.95
CA SER A 171 6.23 16.19 11.89
C SER A 171 6.94 16.97 10.85
C SER A 171 6.93 17.01 10.85
C SER A 171 6.92 17.01 10.81
N ILE A 172 7.64 16.33 9.95
CA ILE A 172 8.28 17.02 8.83
C ILE A 172 7.25 17.85 8.08
N TYR A 173 6.11 17.24 7.78
CA TYR A 173 5.11 17.86 6.94
C TYR A 173 4.00 18.57 7.71
N LYS A 174 4.20 18.79 9.00
N LYS A 174 4.21 18.75 9.01
CA LYS A 174 3.32 19.65 9.81
CA LYS A 174 3.34 19.57 9.84
C LYS A 174 1.87 19.25 9.66
C LYS A 174 1.86 19.22 9.67
N LEU A 175 1.60 17.94 9.89
CA LEU A 175 0.22 17.44 9.76
C LEU A 175 -0.58 17.70 11.04
N ASP A 176 -0.97 18.99 11.16
CA ASP A 176 -1.72 19.48 12.30
C ASP A 176 -3.21 19.17 12.20
N ASN A 177 -3.62 18.39 11.22
CA ASN A 177 -4.96 17.82 11.03
C ASN A 177 -4.98 16.34 11.37
N LEU A 178 -3.91 15.78 11.94
CA LEU A 178 -3.74 14.37 12.21
C LEU A 178 -3.63 14.14 13.73
N VAL A 179 -4.38 13.14 14.18
CA VAL A 179 -4.34 12.69 15.57
C VAL A 179 -4.09 11.18 15.60
N ALA A 180 -3.07 10.78 16.35
CA ALA A 180 -2.82 9.37 16.62
C ALA A 180 -3.29 9.09 18.04
N ILE A 181 -4.10 8.04 18.22
CA ILE A 181 -4.55 7.61 19.52
C ILE A 181 -3.85 6.30 19.81
N LEU A 182 -3.10 6.25 20.90
CA LEU A 182 -2.31 5.07 21.24
C LEU A 182 -3.06 4.34 22.40
N ASP A 183 -3.48 3.11 22.13
CA ASP A 183 -4.24 2.31 23.11
C ASP A 183 -3.20 1.56 23.94
N ILE A 184 -2.70 2.24 25.00
CA ILE A 184 -1.65 1.70 25.84
C ILE A 184 -2.32 0.80 26.89
N ASN A 185 -2.66 -0.41 26.45
CA ASN A 185 -3.33 -1.37 27.30
C ASN A 185 -2.37 -2.37 27.91
N ARG A 186 -1.09 -2.11 27.89
CA ARG A 186 -0.02 -2.80 28.59
C ARG A 186 0.47 -4.09 27.93
N LEU A 187 -0.40 -4.73 27.16
CA LEU A 187 -0.20 -6.09 26.71
C LEU A 187 -0.21 -6.16 25.14
N GLY A 188 0.63 -7.06 24.62
CA GLY A 188 0.55 -7.46 23.25
C GLY A 188 -0.16 -8.80 23.14
N GLN A 189 0.26 -9.60 22.17
CA GLN A 189 -0.39 -10.90 21.91
C GLN A 189 0.02 -11.96 22.95
N SER A 190 1.34 -12.05 23.20
CA SER A 190 1.92 -13.19 23.88
C SER A 190 2.72 -12.81 25.12
N ASP A 191 2.67 -11.53 25.51
CA ASP A 191 3.42 -11.04 26.65
C ASP A 191 3.06 -9.54 26.78
N PRO A 192 3.44 -8.90 27.89
CA PRO A 192 3.32 -7.44 27.99
C PRO A 192 4.08 -6.77 26.86
N ALA A 193 3.59 -5.64 26.40
CA ALA A 193 4.37 -4.80 25.45
C ALA A 193 5.60 -4.29 26.19
N PRO A 194 6.70 -4.03 25.49
CA PRO A 194 7.94 -3.68 26.21
C PRO A 194 7.81 -2.58 27.27
N LEU A 195 7.12 -1.47 26.94
CA LEU A 195 7.07 -0.37 27.90
C LEU A 195 5.94 -0.48 28.90
N GLN A 196 5.05 -1.47 28.77
CA GLN A 196 3.93 -1.62 29.71
C GLN A 196 3.22 -0.32 29.95
N HIS A 197 3.04 0.11 31.19
CA HIS A 197 2.36 1.35 31.53
C HIS A 197 3.31 2.47 31.93
N GLN A 198 4.51 2.48 31.32
CA GLN A 198 5.47 3.56 31.47
C GLN A 198 5.08 4.71 30.55
N MET A 199 4.02 5.42 30.93
CA MET A 199 3.39 6.41 30.06
C MET A 199 4.37 7.53 29.68
N ASP A 200 5.27 7.84 30.61
N ASP A 200 5.21 7.88 30.65
CA ASP A 200 6.28 8.89 30.36
CA ASP A 200 6.16 9.00 30.46
C ASP A 200 7.24 8.57 29.22
C ASP A 200 7.10 8.64 29.34
N ILE A 201 7.54 7.31 29.00
N ILE A 201 7.51 7.36 29.24
CA ILE A 201 8.48 6.94 27.94
CA ILE A 201 8.41 7.04 28.15
C ILE A 201 7.76 7.08 26.62
C ILE A 201 7.72 7.13 26.80
N TYR A 202 6.48 6.69 26.62
CA TYR A 202 5.73 6.92 25.39
C TYR A 202 5.69 8.41 25.08
N GLN A 203 5.42 9.27 26.05
N GLN A 203 5.46 9.15 26.17
CA GLN A 203 5.36 10.70 25.84
CA GLN A 203 5.37 10.59 25.93
C GLN A 203 6.68 11.23 25.27
C GLN A 203 6.70 11.15 25.43
N LYS A 204 7.77 10.76 25.89
N LYS A 204 7.83 10.82 26.04
CA LYS A 204 9.09 11.29 25.51
CA LYS A 204 9.13 11.27 25.53
C LYS A 204 9.42 10.87 24.08
C LYS A 204 9.40 10.85 24.09
N ARG A 205 9.04 9.62 23.72
CA ARG A 205 9.29 9.18 22.34
C ARG A 205 8.48 9.98 21.34
N CYS A 206 7.18 10.17 21.63
CA CYS A 206 6.35 10.97 20.72
C CYS A 206 6.85 12.41 20.60
N GLU A 207 7.20 13.02 21.74
CA GLU A 207 7.68 14.41 21.70
C GLU A 207 9.01 14.51 20.94
N ALA A 208 9.89 13.54 21.12
CA ALA A 208 11.18 13.58 20.43
C ALA A 208 11.01 13.51 18.91
N PHE A 209 9.93 12.88 18.46
CA PHE A 209 9.57 12.78 17.08
C PHE A 209 8.66 13.92 16.58
N GLY A 210 8.49 14.93 17.42
CA GLY A 210 7.87 16.17 16.93
C GLY A 210 6.38 16.26 17.17
N TRP A 211 5.78 15.37 17.91
CA TRP A 211 4.36 15.39 18.15
C TRP A 211 4.04 16.08 19.46
N HIS A 212 2.85 16.69 19.49
CA HIS A 212 2.28 17.19 20.76
C HIS A 212 1.66 15.98 21.46
N ALA A 213 2.10 15.64 22.64
CA ALA A 213 1.76 14.35 23.25
C ALA A 213 1.05 14.62 24.57
N ILE A 214 -0.12 14.03 24.68
CA ILE A 214 -0.99 14.20 25.86
C ILE A 214 -1.30 12.81 26.48
N ILE A 215 -0.98 12.61 27.72
CA ILE A 215 -1.33 11.38 28.41
C ILE A 215 -2.72 11.56 29.01
N VAL A 216 -3.58 10.58 28.75
CA VAL A 216 -4.92 10.57 29.31
C VAL A 216 -5.24 9.21 29.93
N ASP A 217 -6.26 9.24 30.80
CA ASP A 217 -6.97 8.03 31.21
C ASP A 217 -7.85 7.60 30.06
N GLY A 218 -7.51 6.51 29.38
CA GLY A 218 -8.25 6.10 28.21
C GLY A 218 -9.63 5.53 28.46
N HIS A 219 -10.00 5.40 29.73
CA HIS A 219 -11.35 5.01 30.09
C HIS A 219 -12.16 6.16 30.69
N SER A 220 -11.63 7.39 30.59
CA SER A 220 -12.37 8.58 31.00
C SER A 220 -12.96 9.26 29.78
N VAL A 221 -14.27 9.18 29.57
CA VAL A 221 -14.86 9.85 28.42
C VAL A 221 -14.62 11.36 28.49
N GLU A 222 -14.60 11.92 29.70
CA GLU A 222 -14.41 13.37 29.76
C GLU A 222 -13.03 13.80 29.35
N GLU A 223 -11.98 13.12 29.81
CA GLU A 223 -10.60 13.42 29.47
C GLU A 223 -10.39 13.24 27.97
N LEU A 224 -11.01 12.20 27.40
CA LEU A 224 -10.90 12.00 25.96
C LEU A 224 -11.59 13.12 25.20
N CYS A 225 -12.82 13.50 25.59
CA CYS A 225 -13.50 14.61 24.92
C CYS A 225 -12.60 15.85 24.90
N LYS A 226 -12.04 16.11 26.06
N LYS A 226 -12.02 16.19 26.04
CA LYS A 226 -11.25 17.34 26.26
CA LYS A 226 -11.22 17.40 26.15
C LYS A 226 -9.99 17.30 25.41
C LYS A 226 -9.99 17.29 25.26
N ALA A 227 -9.25 16.17 25.42
CA ALA A 227 -8.01 16.03 24.64
C ALA A 227 -8.23 16.07 23.15
N PHE A 228 -9.31 15.48 22.68
CA PHE A 228 -9.66 15.51 21.26
C PHE A 228 -10.20 16.86 20.84
N GLY A 229 -10.64 17.69 21.79
N GLY A 229 -10.70 17.66 21.78
CA GLY A 229 -11.36 18.89 21.43
CA GLY A 229 -11.39 18.89 21.46
C GLY A 229 -10.52 20.06 21.02
C GLY A 229 -10.45 20.08 21.42
N GLN A 230 -9.23 20.00 21.13
N GLN A 230 -9.17 19.88 21.74
CA GLN A 230 -8.30 21.12 21.03
CA GLN A 230 -8.22 20.97 21.40
C GLN A 230 -7.35 20.80 19.88
C GLN A 230 -7.31 20.71 20.18
N ALA A 231 -7.46 21.55 18.80
N ALA A 231 -7.43 21.55 19.15
CA ALA A 231 -6.53 21.50 17.67
CA ALA A 231 -6.54 21.48 17.97
C ALA A 231 -5.20 22.07 18.11
C ALA A 231 -5.14 22.03 18.27
N LYS A 232 -4.14 21.53 17.54
CA LYS A 232 -2.74 21.95 17.70
C LYS A 232 -2.10 22.34 16.42
N HIS A 233 -0.92 22.91 16.46
CA HIS A 233 -0.11 23.22 15.29
C HIS A 233 0.85 22.14 14.95
N GLN A 234 0.71 20.96 15.62
N GLN A 234 0.66 20.98 15.63
CA GLN A 234 1.49 19.78 15.47
CA GLN A 234 1.51 19.86 15.29
C GLN A 234 0.57 18.57 15.27
C GLN A 234 0.61 18.62 15.22
N PRO A 235 1.07 17.53 14.64
CA PRO A 235 0.38 16.25 14.79
C PRO A 235 0.30 15.94 16.29
N THR A 236 -0.83 15.41 16.73
CA THR A 236 -1.13 15.22 18.16
C THR A 236 -1.24 13.74 18.50
N ALA A 237 -0.52 13.32 19.54
CA ALA A 237 -0.57 11.93 20.02
C ALA A 237 -1.34 11.92 21.36
N ILE A 238 -2.48 11.24 21.38
CA ILE A 238 -3.28 11.01 22.59
C ILE A 238 -2.85 9.65 23.11
N ILE A 239 -2.10 9.67 24.22
CA ILE A 239 -1.45 8.49 24.76
C ILE A 239 -2.33 7.99 25.89
N ALA A 240 -3.14 6.99 25.56
CA ALA A 240 -4.24 6.61 26.44
C ALA A 240 -3.88 5.39 27.29
N LYS A 241 -3.83 5.59 28.61
CA LYS A 241 -3.59 4.48 29.53
C LYS A 241 -4.90 3.72 29.65
N THR A 242 -4.91 2.48 29.25
CA THR A 242 -6.08 1.61 29.24
C THR A 242 -5.73 0.23 29.81
N PHE A 243 -6.74 -0.59 30.02
CA PHE A 243 -6.57 -1.99 30.45
C PHE A 243 -7.17 -2.88 29.37
N LYS A 244 -6.38 -3.87 28.98
CA LYS A 244 -6.85 -4.83 27.98
C LYS A 244 -8.02 -5.59 28.54
N GLY A 245 -9.10 -5.81 27.80
CA GLY A 245 -10.26 -6.45 28.39
C GLY A 245 -11.00 -5.62 29.40
N ARG A 246 -10.84 -4.28 29.36
CA ARG A 246 -11.53 -3.39 30.27
C ARG A 246 -13.01 -3.72 30.32
N GLY A 247 -13.53 -3.87 31.54
CA GLY A 247 -14.94 -4.13 31.76
C GLY A 247 -15.32 -5.57 31.79
N ILE A 248 -14.42 -6.47 31.45
CA ILE A 248 -14.68 -7.91 31.57
C ILE A 248 -14.04 -8.40 32.87
N THR A 249 -14.91 -8.61 33.86
N THR A 249 -14.88 -8.55 33.90
CA THR A 249 -14.41 -9.01 35.18
CA THR A 249 -14.44 -8.84 35.25
C THR A 249 -13.66 -10.31 35.05
C THR A 249 -13.59 -10.10 35.28
N GLY A 250 -12.48 -10.35 35.69
N GLY A 250 -12.41 -9.95 35.85
CA GLY A 250 -11.54 -11.41 35.73
CA GLY A 250 -11.50 -11.08 35.88
C GLY A 250 -10.68 -11.61 34.50
C GLY A 250 -10.48 -10.96 34.74
N VAL A 251 -10.92 -10.79 33.52
CA VAL A 251 -10.10 -10.79 32.30
C VAL A 251 -9.33 -9.51 32.12
N GLU A 252 -9.89 -8.39 32.61
CA GLU A 252 -9.25 -7.08 32.52
C GLU A 252 -7.84 -7.16 33.07
N ASP A 253 -6.86 -6.71 32.26
CA ASP A 253 -5.45 -6.61 32.64
C ASP A 253 -4.72 -7.94 32.75
N LYS A 254 -5.31 -9.03 32.21
CA LYS A 254 -4.72 -10.35 32.32
C LYS A 254 -4.09 -10.81 31.01
N GLU A 255 -3.01 -11.56 31.16
N GLU A 255 -2.98 -11.52 31.11
CA GLU A 255 -2.39 -12.30 30.08
CA GLU A 255 -2.42 -12.23 29.97
C GLU A 255 -3.25 -13.49 29.67
C GLU A 255 -3.26 -13.45 29.64
N SER A 256 -2.89 -14.11 28.55
N SER A 256 -3.00 -14.07 28.51
CA SER A 256 -3.53 -15.31 28.02
CA SER A 256 -3.57 -15.33 28.03
C SER A 256 -4.93 -15.13 27.46
C SER A 256 -4.95 -15.15 27.40
N TRP A 257 -5.29 -13.91 27.08
CA TRP A 257 -6.61 -13.60 26.54
C TRP A 257 -6.57 -12.90 25.19
N HIS A 258 -5.42 -12.64 24.58
CA HIS A 258 -5.41 -12.00 23.31
C HIS A 258 -5.98 -12.93 22.22
N GLY A 259 -6.92 -12.45 21.41
CA GLY A 259 -7.43 -13.25 20.34
C GLY A 259 -8.23 -14.46 20.80
N LYS A 260 -8.74 -14.43 22.00
CA LYS A 260 -9.55 -15.51 22.56
C LYS A 260 -10.96 -14.97 22.81
N PRO A 261 -11.95 -15.61 22.20
N PRO A 261 -11.99 -15.43 22.12
CA PRO A 261 -13.35 -15.23 22.45
CA PRO A 261 -13.34 -15.00 22.56
C PRO A 261 -13.81 -15.81 23.79
C PRO A 261 -13.69 -15.54 23.93
N LEU A 262 -14.84 -15.21 24.34
N LEU A 262 -14.76 -14.99 24.49
CA LEU A 262 -15.42 -15.72 25.57
CA LEU A 262 -15.38 -15.57 25.68
C LEU A 262 -16.28 -16.94 25.24
C LEU A 262 -16.27 -16.76 25.28
N PRO A 263 -16.27 -17.94 26.12
N PRO A 263 -16.22 -17.86 26.04
CA PRO A 263 -17.20 -19.07 25.88
CA PRO A 263 -17.28 -18.86 25.78
C PRO A 263 -18.61 -18.55 26.11
C PRO A 263 -18.67 -18.29 26.10
N LYS A 264 -19.60 -19.21 25.53
N LYS A 264 -19.69 -18.87 25.47
CA LYS A 264 -20.97 -18.74 25.54
CA LYS A 264 -21.07 -18.48 25.62
C LYS A 264 -21.45 -18.44 26.94
C LYS A 264 -21.48 -18.31 27.08
N ASN A 265 -21.17 -19.31 27.92
CA ASN A 265 -21.68 -19.16 29.30
C ASN A 265 -21.10 -17.92 29.95
N MET A 266 -19.82 -17.68 29.67
CA MET A 266 -19.11 -16.51 30.25
C MET A 266 -19.58 -15.22 29.61
N ALA A 267 -19.74 -15.22 28.29
CA ALA A 267 -20.26 -14.04 27.61
C ALA A 267 -21.60 -13.63 28.19
N GLU A 268 -22.50 -14.60 28.46
CA GLU A 268 -23.81 -14.23 29.03
C GLU A 268 -23.63 -13.55 30.35
N GLN A 269 -22.80 -14.06 31.23
CA GLN A 269 -22.64 -13.48 32.55
C GLN A 269 -22.02 -12.08 32.45
N ILE A 270 -20.96 -11.96 31.65
CA ILE A 270 -20.27 -10.66 31.51
C ILE A 270 -21.17 -9.61 30.90
N ILE A 271 -21.91 -9.99 29.85
CA ILE A 271 -22.79 -9.03 29.22
C ILE A 271 -23.85 -8.53 30.19
N GLN A 272 -24.41 -9.40 31.03
CA GLN A 272 -25.37 -8.95 32.04
C GLN A 272 -24.74 -7.93 32.95
N GLU A 273 -23.52 -8.16 33.35
N GLU A 273 -23.49 -8.13 33.36
CA GLU A 273 -22.76 -7.21 34.19
CA GLU A 273 -22.83 -7.16 34.22
C GLU A 273 -22.67 -5.86 33.51
C GLU A 273 -22.53 -5.82 33.55
N ILE A 274 -22.13 -5.89 32.28
CA ILE A 274 -21.91 -4.63 31.55
C ILE A 274 -23.23 -3.92 31.34
N TYR A 275 -24.25 -4.69 30.97
N TYR A 275 -24.31 -4.61 30.95
CA TYR A 275 -25.54 -4.09 30.70
CA TYR A 275 -25.62 -3.98 30.73
C TYR A 275 -26.16 -3.40 31.91
C TYR A 275 -26.09 -3.24 31.97
N SER A 276 -25.85 -3.90 33.11
CA SER A 276 -26.30 -3.30 34.36
C SER A 276 -25.72 -1.90 34.59
N GLN A 277 -24.63 -1.54 33.90
N GLN A 277 -24.61 -1.55 33.95
CA GLN A 277 -24.01 -0.24 34.02
CA GLN A 277 -23.96 -0.26 34.02
C GLN A 277 -24.63 0.81 33.12
C GLN A 277 -24.49 0.75 33.01
N ILE A 278 -25.39 0.35 32.11
CA ILE A 278 -25.90 1.26 31.10
C ILE A 278 -27.12 1.99 31.61
N GLN A 279 -27.13 3.29 31.57
N GLN A 279 -27.11 3.30 31.59
CA GLN A 279 -28.25 4.01 32.17
CA GLN A 279 -28.22 4.06 32.15
C GLN A 279 -29.38 4.39 31.23
C GLN A 279 -29.41 4.17 31.20
N SER A 280 -29.12 4.41 29.92
CA SER A 280 -30.18 4.69 28.94
C SER A 280 -29.87 3.98 27.62
N LYS A 281 -30.89 3.48 26.96
CA LYS A 281 -30.83 2.86 25.65
C LYS A 281 -30.75 3.91 24.56
N LYS A 282 -31.02 5.17 24.90
CA LYS A 282 -31.05 6.17 23.82
C LYS A 282 -29.66 6.39 23.26
N LYS A 283 -29.57 6.41 21.92
CA LYS A 283 -28.28 6.55 21.25
C LYS A 283 -28.02 7.99 20.86
N ILE A 284 -26.75 8.33 20.84
CA ILE A 284 -26.25 9.63 20.37
C ILE A 284 -26.21 9.61 18.85
N LEU A 285 -26.51 10.72 18.21
CA LEU A 285 -26.39 10.88 16.78
C LEU A 285 -25.04 11.43 16.32
N ALA A 286 -24.53 10.97 15.18
CA ALA A 286 -23.37 11.53 14.51
C ALA A 286 -23.68 12.98 14.16
N THR A 287 -22.64 13.79 13.99
CA THR A 287 -22.70 15.17 13.50
C THR A 287 -21.99 15.32 12.17
N PRO A 288 -22.63 15.96 11.16
CA PRO A 288 -22.02 16.04 9.81
C PRO A 288 -20.92 17.08 9.65
N PRO A 289 -20.17 16.87 8.58
CA PRO A 289 -19.00 17.73 8.31
C PRO A 289 -19.33 18.98 7.54
N GLN A 290 -18.36 19.89 7.53
CA GLN A 290 -18.33 21.04 6.64
C GLN A 290 -17.95 20.55 5.23
N GLU A 291 -18.73 20.94 4.23
CA GLU A 291 -18.53 20.38 2.89
C GLU A 291 -17.65 21.25 2.00
N ASP A 292 -16.36 21.16 2.31
CA ASP A 292 -15.41 22.01 1.59
C ASP A 292 -14.30 21.32 0.82
N ALA A 293 -14.39 20.05 0.68
CA ALA A 293 -13.54 19.22 -0.20
C ALA A 293 -13.96 19.52 -1.65
N PRO A 294 -12.99 19.73 -2.52
CA PRO A 294 -13.27 20.09 -3.90
C PRO A 294 -13.70 18.87 -4.73
N SER A 295 -14.19 19.19 -5.91
N SER A 295 -14.28 19.14 -5.89
CA SER A 295 -14.45 18.26 -6.98
CA SER A 295 -14.62 18.11 -6.86
C SER A 295 -13.17 17.63 -7.50
C SER A 295 -13.32 17.62 -7.47
N VAL A 296 -13.22 16.35 -7.79
CA VAL A 296 -12.03 15.78 -8.46
C VAL A 296 -12.54 15.15 -9.74
N ASP A 297 -11.82 15.30 -10.85
CA ASP A 297 -12.22 14.76 -12.12
C ASP A 297 -11.82 13.29 -12.17
N ILE A 298 -12.55 12.59 -12.98
CA ILE A 298 -12.56 11.17 -12.97
C ILE A 298 -12.18 10.53 -14.29
N ALA A 299 -11.87 11.43 -15.21
CA ALA A 299 -11.60 11.12 -16.60
C ALA A 299 -10.27 10.43 -16.87
N ASN A 300 -10.18 9.68 -17.94
CA ASN A 300 -8.94 9.20 -18.54
C ASN A 300 -7.94 10.34 -18.68
N ILE A 301 -6.71 9.99 -18.35
CA ILE A 301 -5.57 10.89 -18.35
C ILE A 301 -4.78 10.57 -19.58
N ARG A 302 -4.63 11.55 -20.44
CA ARG A 302 -3.87 11.34 -21.65
C ARG A 302 -2.63 12.20 -21.77
N MET A 303 -1.52 11.63 -22.24
N MET A 303 -1.56 11.65 -22.33
CA MET A 303 -0.33 12.44 -22.52
CA MET A 303 -0.37 12.44 -22.66
C MET A 303 -0.67 13.58 -23.46
C MET A 303 -0.72 13.62 -23.54
N PRO A 304 -0.07 14.77 -23.30
CA PRO A 304 -0.46 15.90 -24.16
C PRO A 304 -0.05 15.75 -25.64
N SER A 305 0.87 14.81 -25.92
CA SER A 305 1.37 14.56 -27.27
C SER A 305 2.01 13.17 -27.32
N LEU A 306 2.28 12.64 -28.49
CA LEU A 306 2.99 11.38 -28.66
C LEU A 306 4.38 11.55 -28.09
N PRO A 307 5.09 10.45 -27.83
CA PRO A 307 6.53 10.51 -27.48
C PRO A 307 7.28 11.23 -28.62
N SER A 308 8.34 11.93 -28.20
CA SER A 308 9.16 12.69 -29.14
C SER A 308 10.58 12.20 -29.24
N TYR A 309 10.82 10.91 -28.99
N TYR A 309 10.76 10.90 -29.04
CA TYR A 309 12.19 10.44 -29.20
CA TYR A 309 11.96 10.11 -29.16
C TYR A 309 12.41 10.30 -30.68
C TYR A 309 12.24 9.68 -30.61
N LYS A 310 13.52 9.68 -30.99
CA LYS A 310 13.91 9.26 -32.32
C LYS A 310 14.64 7.92 -32.30
N VAL A 311 14.17 7.09 -33.23
CA VAL A 311 14.77 5.76 -33.33
C VAL A 311 16.26 5.85 -33.55
N GLY A 312 17.00 5.05 -32.80
CA GLY A 312 18.47 5.05 -32.80
C GLY A 312 19.08 5.92 -31.76
N ASP A 313 18.28 6.87 -31.22
CA ASP A 313 18.86 7.67 -30.12
C ASP A 313 18.92 6.80 -28.87
N LYS A 314 19.78 7.18 -27.91
CA LYS A 314 19.95 6.31 -26.77
C LYS A 314 19.41 7.02 -25.53
N ILE A 315 18.62 6.33 -24.73
CA ILE A 315 18.19 6.88 -23.42
C ILE A 315 17.94 5.74 -22.46
N ALA A 316 18.29 5.92 -21.21
CA ALA A 316 17.92 4.90 -20.22
C ALA A 316 16.44 4.96 -19.88
N THR A 317 15.81 3.79 -19.69
CA THR A 317 14.40 3.84 -19.37
C THR A 317 14.16 4.54 -18.05
N ARG A 318 15.11 4.56 -17.11
CA ARG A 318 14.88 5.34 -15.86
C ARG A 318 14.70 6.83 -16.20
N LYS A 319 15.50 7.35 -17.14
N LYS A 319 15.44 7.38 -17.17
CA LYS A 319 15.37 8.78 -17.48
CA LYS A 319 15.29 8.80 -17.53
C LYS A 319 14.09 9.02 -18.25
C LYS A 319 13.99 9.07 -18.25
N ALA A 320 13.72 8.12 -19.15
CA ALA A 320 12.47 8.24 -19.88
C ALA A 320 11.28 8.23 -18.92
N TYR A 321 11.36 7.47 -17.81
CA TYR A 321 10.30 7.51 -16.81
C TYR A 321 10.08 8.89 -16.25
N GLY A 322 11.20 9.52 -15.82
CA GLY A 322 11.04 10.86 -15.24
C GLY A 322 10.49 11.85 -16.23
N GLN A 323 10.97 11.76 -17.49
CA GLN A 323 10.48 12.65 -18.56
C GLN A 323 9.00 12.44 -18.76
N ALA A 324 8.57 11.19 -18.80
CA ALA A 324 7.19 10.84 -19.08
C ALA A 324 6.28 11.25 -17.92
N LEU A 325 6.75 11.05 -16.71
CA LEU A 325 5.92 11.41 -15.56
C LEU A 325 5.71 12.91 -15.51
N ALA A 326 6.78 13.68 -15.74
CA ALA A 326 6.65 15.16 -15.79
C ALA A 326 5.67 15.57 -16.88
N LYS A 327 5.79 14.92 -18.04
CA LYS A 327 4.92 15.25 -19.14
C LYS A 327 3.48 15.02 -18.76
N LEU A 328 3.25 13.84 -18.17
CA LEU A 328 1.91 13.47 -17.71
C LEU A 328 1.30 14.43 -16.68
N GLY A 329 2.17 14.96 -15.83
CA GLY A 329 1.75 15.93 -14.86
C GLY A 329 1.22 17.21 -15.42
N HIS A 330 1.61 17.57 -16.65
CA HIS A 330 1.05 18.74 -17.32
C HIS A 330 -0.35 18.45 -17.86
N ALA A 331 -0.69 17.17 -18.02
CA ALA A 331 -1.97 16.84 -18.61
C ALA A 331 -3.01 16.76 -17.51
N SER A 332 -2.56 16.46 -16.29
CA SER A 332 -3.54 16.24 -15.26
C SER A 332 -3.09 16.67 -13.87
N ASP A 333 -3.90 17.41 -13.15
CA ASP A 333 -3.48 17.81 -11.79
C ASP A 333 -3.62 16.74 -10.73
N ARG A 334 -4.24 15.66 -11.07
CA ARG A 334 -4.40 14.48 -10.24
C ARG A 334 -3.09 13.70 -9.97
N ILE A 335 -2.13 13.82 -10.87
CA ILE A 335 -0.91 13.05 -10.76
C ILE A 335 -0.07 13.64 -9.62
N ILE A 336 0.38 12.79 -8.69
CA ILE A 336 1.36 13.18 -7.70
C ILE A 336 2.51 12.17 -7.74
N ALA A 337 3.69 12.61 -7.31
CA ALA A 337 4.88 11.79 -7.34
C ALA A 337 5.48 11.71 -5.94
N LEU A 338 5.98 10.56 -5.54
CA LEU A 338 6.60 10.32 -4.27
C LEU A 338 7.94 9.59 -4.53
N ASP A 339 8.95 9.87 -3.74
CA ASP A 339 10.25 9.19 -3.94
C ASP A 339 10.98 9.15 -2.59
N GLY A 340 11.81 8.15 -2.40
CA GLY A 340 12.53 7.94 -1.15
C GLY A 340 14.00 8.32 -1.23
N ASP A 341 14.28 9.62 -1.35
CA ASP A 341 15.64 10.17 -1.44
C ASP A 341 16.43 9.59 -2.61
N THR A 342 15.76 9.20 -3.69
CA THR A 342 16.43 8.68 -4.86
C THR A 342 16.03 9.46 -6.13
N LYS A 343 15.46 10.64 -5.99
CA LYS A 343 14.90 11.34 -7.15
C LYS A 343 15.91 11.69 -8.24
N ASN A 344 17.15 11.91 -7.88
N ASN A 344 17.17 11.83 -7.88
CA ASN A 344 18.17 12.17 -8.87
CA ASN A 344 18.22 12.15 -8.83
C ASN A 344 18.53 10.92 -9.70
C ASN A 344 18.76 10.90 -9.55
N SER A 345 18.30 9.74 -9.16
CA SER A 345 18.66 8.45 -9.76
C SER A 345 17.48 7.79 -10.47
N THR A 346 16.27 7.96 -9.96
CA THR A 346 15.07 7.46 -10.62
C THR A 346 14.54 8.44 -11.68
N PHE A 347 15.03 9.67 -11.60
CA PHE A 347 14.64 10.80 -12.41
C PHE A 347 13.25 11.35 -12.15
N SER A 348 12.62 11.03 -11.05
CA SER A 348 11.45 11.68 -10.53
C SER A 348 11.74 13.14 -10.19
N GLU A 349 13.03 13.51 -10.07
CA GLU A 349 13.38 14.92 -9.89
C GLU A 349 12.84 15.77 -11.04
N ILE A 350 12.67 15.22 -12.23
CA ILE A 350 12.13 16.03 -13.35
C ILE A 350 10.73 16.49 -13.03
N PHE A 351 9.93 15.58 -12.50
CA PHE A 351 8.57 15.92 -12.04
C PHE A 351 8.63 16.98 -10.94
N LYS A 352 9.52 16.76 -9.95
CA LYS A 352 9.63 17.77 -8.90
C LYS A 352 9.92 19.16 -9.42
N LYS A 353 10.83 19.25 -10.41
CA LYS A 353 11.18 20.55 -10.94
C LYS A 353 10.00 21.26 -11.57
N GLU A 354 9.18 20.49 -12.29
CA GLU A 354 8.10 21.06 -13.07
C GLU A 354 6.79 21.22 -12.25
N HIS A 355 6.58 20.35 -11.28
CA HIS A 355 5.33 20.29 -10.50
C HIS A 355 5.62 20.16 -9.02
N PRO A 356 6.37 21.07 -8.41
CA PRO A 356 6.89 20.87 -7.05
C PRO A 356 5.78 20.71 -6.02
N ASP A 357 4.65 21.33 -6.23
CA ASP A 357 3.56 21.23 -5.23
C ASP A 357 2.96 19.84 -5.16
N ARG A 358 3.22 19.01 -6.14
CA ARG A 358 2.65 17.66 -6.23
C ARG A 358 3.72 16.56 -6.06
N PHE A 359 4.92 16.94 -5.62
CA PHE A 359 5.97 15.99 -5.28
C PHE A 359 6.05 15.86 -3.77
N ILE A 360 6.15 14.62 -3.28
CA ILE A 360 6.30 14.35 -1.88
C ILE A 360 7.61 13.62 -1.64
N GLU A 361 8.59 14.32 -1.04
CA GLU A 361 9.83 13.70 -0.64
C GLU A 361 9.56 12.82 0.60
N CYS A 362 9.78 11.53 0.48
CA CYS A 362 9.48 10.61 1.56
C CYS A 362 10.72 10.16 2.31
N TYR A 363 11.90 10.55 1.89
CA TYR A 363 13.15 10.22 2.56
C TYR A 363 13.38 8.72 2.53
N ILE A 364 14.37 8.23 3.27
CA ILE A 364 14.82 6.83 3.11
C ILE A 364 13.93 5.95 4.02
N ALA A 365 12.73 5.70 3.49
CA ALA A 365 11.62 5.13 4.29
C ALA A 365 10.58 4.56 3.30
N GLU A 366 10.93 3.47 2.64
CA GLU A 366 10.11 2.90 1.58
C GLU A 366 8.76 2.38 2.07
N GLN A 367 8.72 1.73 3.24
N GLN A 367 8.77 1.82 3.28
CA GLN A 367 7.44 1.27 3.79
CA GLN A 367 7.53 1.27 3.85
C GLN A 367 6.47 2.44 3.86
C GLN A 367 6.51 2.40 3.92
N ASN A 368 6.89 3.52 4.55
CA ASN A 368 6.00 4.63 4.71
C ASN A 368 5.64 5.21 3.37
N MET A 369 6.58 5.32 2.42
CA MET A 369 6.25 5.90 1.14
C MET A 369 5.06 5.17 0.48
N VAL A 370 5.09 3.84 0.50
CA VAL A 370 3.99 3.09 -0.10
C VAL A 370 2.70 3.39 0.66
N SER A 371 2.72 3.41 2.00
CA SER A 371 1.52 3.71 2.75
C SER A 371 1.01 5.12 2.52
N ILE A 372 1.90 6.10 2.35
CA ILE A 372 1.47 7.46 1.99
C ILE A 372 0.72 7.44 0.69
N ALA A 373 1.28 6.75 -0.30
CA ALA A 373 0.65 6.68 -1.60
C ALA A 373 -0.73 6.05 -1.48
N VAL A 374 -0.87 4.93 -0.76
CA VAL A 374 -2.17 4.31 -0.57
C VAL A 374 -3.15 5.29 0.04
N GLY A 375 -2.71 6.02 1.09
CA GLY A 375 -3.58 6.98 1.68
C GLY A 375 -3.99 8.12 0.75
N CYS A 376 -3.07 8.61 -0.06
CA CYS A 376 -3.38 9.62 -1.06
C CYS A 376 -4.35 9.16 -2.14
N ALA A 377 -4.34 7.87 -2.45
CA ALA A 377 -5.24 7.32 -3.47
C ALA A 377 -6.63 7.05 -2.94
N THR A 378 -6.79 6.99 -1.63
CA THR A 378 -8.09 6.67 -1.10
C THR A 378 -9.11 7.74 -1.56
N ARG A 379 -10.35 7.27 -1.75
CA ARG A 379 -11.45 8.06 -2.27
C ARG A 379 -11.07 8.73 -3.57
N ASN A 380 -10.13 8.17 -4.36
CA ASN A 380 -9.73 8.65 -5.67
C ASN A 380 -9.27 10.09 -5.62
N ARG A 381 -8.67 10.55 -4.52
CA ARG A 381 -8.32 11.97 -4.47
C ARG A 381 -7.14 12.33 -5.34
N THR A 382 -6.20 11.43 -5.57
CA THR A 382 -5.01 11.59 -6.37
C THR A 382 -4.68 10.31 -7.12
N VAL A 383 -3.75 10.41 -8.05
CA VAL A 383 -3.19 9.29 -8.82
C VAL A 383 -1.70 9.27 -8.53
N PRO A 384 -1.26 8.48 -7.51
N PRO A 384 -1.26 8.48 -7.57
CA PRO A 384 0.12 8.45 -7.08
CA PRO A 384 0.15 8.58 -7.22
C PRO A 384 1.08 7.59 -7.89
C PRO A 384 1.07 7.63 -7.94
N PHE A 385 2.27 8.14 -8.14
CA PHE A 385 3.41 7.41 -8.69
C PHE A 385 4.57 7.49 -7.70
N CYS A 386 4.94 6.39 -7.07
CA CYS A 386 6.06 6.24 -6.18
C CYS A 386 7.28 5.65 -6.92
N SER A 387 8.42 6.10 -6.46
CA SER A 387 9.64 5.55 -7.07
C SER A 387 10.80 5.44 -6.06
N THR A 388 11.60 4.44 -6.34
CA THR A 388 12.88 4.15 -5.71
C THR A 388 13.57 3.14 -6.64
N PHE A 389 14.71 2.58 -6.18
CA PHE A 389 15.30 1.45 -6.86
C PHE A 389 14.35 0.27 -6.65
N ALA A 390 14.14 -0.56 -7.69
CA ALA A 390 13.27 -1.72 -7.53
C ALA A 390 13.71 -2.63 -6.38
N ALA A 391 15.02 -2.75 -6.15
CA ALA A 391 15.47 -3.58 -5.06
C ALA A 391 14.88 -3.16 -3.73
N PHE A 392 14.70 -1.86 -3.53
CA PHE A 392 14.26 -1.33 -2.25
C PHE A 392 12.76 -1.36 -2.13
N PHE A 393 12.01 -1.68 -3.18
CA PHE A 393 10.61 -2.01 -2.99
C PHE A 393 10.47 -3.31 -2.24
N THR A 394 11.46 -4.18 -2.14
CA THR A 394 11.34 -5.35 -1.27
C THR A 394 11.18 -4.98 0.20
N ARG A 395 11.68 -3.78 0.54
N ARG A 395 11.65 -3.81 0.62
CA ARG A 395 11.55 -3.26 1.91
CA ARG A 395 11.45 -3.28 1.99
C ARG A 395 10.09 -2.98 2.25
C ARG A 395 9.99 -3.04 2.31
N ALA A 396 9.22 -2.79 1.26
CA ALA A 396 7.84 -2.40 1.39
C ALA A 396 6.88 -3.51 0.94
N PHE A 397 7.36 -4.74 0.82
CA PHE A 397 6.46 -5.78 0.26
C PHE A 397 5.17 -5.94 1.08
N ASP A 398 5.25 -5.91 2.41
CA ASP A 398 4.00 -6.08 3.18
C ASP A 398 3.04 -4.92 2.95
N GLN A 399 3.58 -3.69 2.80
CA GLN A 399 2.71 -2.56 2.45
C GLN A 399 2.08 -2.74 1.10
N ILE A 400 2.83 -3.26 0.13
CA ILE A 400 2.32 -3.53 -1.23
C ILE A 400 1.26 -4.63 -1.20
N ARG A 401 1.56 -5.69 -0.46
CA ARG A 401 0.63 -6.79 -0.24
C ARG A 401 -0.70 -6.28 0.31
N MET A 402 -0.60 -5.48 1.36
CA MET A 402 -1.78 -4.86 1.99
C MET A 402 -2.44 -3.86 1.08
N ALA A 403 -1.72 -3.21 0.19
CA ALA A 403 -2.31 -2.30 -0.75
C ALA A 403 -3.24 -3.04 -1.69
N ALA A 404 -2.90 -4.25 -2.10
CA ALA A 404 -3.81 -5.02 -2.95
C ALA A 404 -5.02 -5.49 -2.14
N ILE A 405 -4.85 -5.87 -0.87
CA ILE A 405 -5.99 -6.21 -0.01
C ILE A 405 -6.89 -4.98 0.21
N SER A 406 -6.29 -3.77 0.14
CA SER A 406 -6.97 -2.50 0.23
C SER A 406 -7.57 -2.06 -1.12
N GLU A 407 -7.45 -2.90 -2.16
CA GLU A 407 -8.01 -2.56 -3.47
C GLU A 407 -7.48 -1.20 -3.92
N SER A 408 -6.22 -0.88 -3.61
CA SER A 408 -5.65 0.42 -3.90
C SER A 408 -5.17 0.54 -5.33
N ASN A 409 -5.33 1.74 -5.88
CA ASN A 409 -4.83 2.11 -7.21
C ASN A 409 -3.58 2.98 -7.03
N ILE A 410 -2.43 2.36 -6.90
CA ILE A 410 -1.16 3.08 -6.83
C ILE A 410 -0.24 2.59 -7.94
N ASN A 411 0.69 3.42 -8.33
CA ASN A 411 1.66 3.16 -9.34
C ASN A 411 3.07 3.23 -8.71
N LEU A 412 3.90 2.26 -8.99
N LEU A 412 3.84 2.20 -9.04
CA LEU A 412 5.23 2.12 -8.40
CA LEU A 412 5.20 2.08 -8.50
C LEU A 412 6.21 1.92 -9.55
C LEU A 412 6.20 1.92 -9.63
N CYS A 413 7.25 2.73 -9.59
CA CYS A 413 8.31 2.60 -10.59
C CYS A 413 9.62 2.30 -9.87
N GLY A 414 10.17 1.12 -10.14
CA GLY A 414 11.41 0.73 -9.55
C GLY A 414 12.52 0.70 -10.60
N SER A 415 13.56 1.46 -10.31
N SER A 415 13.58 1.39 -10.26
CA SER A 415 14.70 1.58 -11.21
CA SER A 415 14.71 1.46 -11.18
C SER A 415 15.82 0.62 -10.97
C SER A 415 15.93 0.65 -10.81
N HIS A 416 16.94 0.74 -11.70
CA HIS A 416 18.14 0.03 -11.30
C HIS A 416 17.92 -1.48 -11.24
N CYS A 417 17.16 -2.02 -12.19
CA CYS A 417 16.89 -3.45 -12.17
C CYS A 417 18.10 -4.23 -12.70
N GLY A 418 18.31 -5.41 -12.13
CA GLY A 418 19.23 -6.39 -12.66
C GLY A 418 20.70 -6.07 -12.41
N VAL A 419 21.51 -7.00 -12.97
CA VAL A 419 22.96 -6.85 -12.91
C VAL A 419 23.43 -5.70 -13.81
N SER A 420 22.61 -5.24 -14.75
CA SER A 420 23.08 -4.26 -15.69
C SER A 420 23.38 -2.90 -15.06
N ILE A 421 23.09 -2.68 -13.78
CA ILE A 421 23.53 -1.50 -13.09
C ILE A 421 25.02 -1.49 -12.94
N GLY A 422 25.72 -2.63 -12.96
CA GLY A 422 27.15 -2.66 -12.83
C GLY A 422 27.71 -2.59 -11.45
N GLU A 423 28.47 -1.50 -11.21
CA GLU A 423 29.48 -1.52 -10.18
C GLU A 423 29.02 -1.48 -8.75
N ASP A 424 27.80 -0.98 -8.49
CA ASP A 424 27.35 -0.96 -7.09
C ASP A 424 27.27 -2.37 -6.50
N GLY A 425 27.05 -3.41 -7.27
CA GLY A 425 26.86 -4.72 -6.68
C GLY A 425 25.45 -5.07 -6.28
N PRO A 426 25.28 -6.28 -5.72
CA PRO A 426 23.96 -6.87 -5.60
C PRO A 426 23.01 -6.17 -4.65
N SER A 427 23.49 -5.49 -3.62
N SER A 427 23.55 -5.45 -3.68
CA SER A 427 22.57 -4.79 -2.73
CA SER A 427 22.67 -4.76 -2.73
C SER A 427 21.64 -3.84 -3.49
C SER A 427 21.67 -3.87 -3.48
N GLN A 428 22.02 -3.31 -4.62
N GLN A 428 22.10 -3.28 -4.58
CA GLN A 428 21.23 -2.34 -5.37
CA GLN A 428 21.31 -2.35 -5.36
C GLN A 428 20.50 -2.99 -6.54
C GLN A 428 20.61 -2.98 -6.57
N MET A 429 20.80 -4.27 -6.82
CA MET A 429 20.30 -4.95 -7.99
C MET A 429 18.96 -5.62 -7.75
N ALA A 430 17.90 -5.20 -8.46
CA ALA A 430 16.61 -5.86 -8.31
C ALA A 430 16.64 -7.13 -9.17
N LEU A 431 16.51 -8.27 -8.49
CA LEU A 431 16.57 -9.59 -9.16
C LEU A 431 15.39 -10.45 -8.78
N GLU A 432 14.48 -9.94 -7.97
CA GLU A 432 13.38 -10.62 -7.38
C GLU A 432 12.09 -9.81 -7.46
N ASP A 433 12.15 -8.64 -8.10
CA ASP A 433 11.05 -7.74 -8.16
C ASP A 433 9.92 -8.22 -9.09
N LEU A 434 10.26 -8.96 -10.14
CA LEU A 434 9.20 -9.55 -10.97
C LEU A 434 8.47 -10.63 -10.17
N ALA A 435 9.22 -11.47 -9.46
CA ALA A 435 8.59 -12.45 -8.59
C ALA A 435 7.64 -11.79 -7.60
N MET A 436 8.18 -10.74 -6.96
N MET A 436 8.11 -10.73 -6.91
CA MET A 436 7.42 -10.06 -5.95
CA MET A 436 7.36 -10.01 -5.90
C MET A 436 6.12 -9.47 -6.51
C MET A 436 6.09 -9.41 -6.47
N PHE A 437 6.24 -8.61 -7.51
CA PHE A 437 5.08 -7.91 -8.04
C PHE A 437 4.13 -8.85 -8.76
N ARG A 438 4.64 -9.89 -9.40
CA ARG A 438 3.71 -10.85 -10.04
C ARG A 438 2.82 -11.55 -9.01
N SER A 439 3.34 -11.74 -7.77
CA SER A 439 2.57 -12.41 -6.71
C SER A 439 1.55 -11.51 -6.05
N VAL A 440 1.49 -10.23 -6.43
CA VAL A 440 0.47 -9.32 -5.88
C VAL A 440 -0.75 -9.41 -6.77
N PRO A 441 -1.91 -9.72 -6.17
N PRO A 441 -1.86 -9.91 -6.26
CA PRO A 441 -3.17 -9.69 -6.89
CA PRO A 441 -2.91 -10.40 -7.17
C PRO A 441 -3.45 -8.25 -7.31
C PRO A 441 -3.54 -9.32 -8.05
N THR A 442 -4.08 -8.13 -8.45
N THR A 442 -3.53 -8.07 -7.67
CA THR A 442 -4.39 -6.89 -9.13
CA THR A 442 -4.12 -7.01 -8.50
C THR A 442 -3.12 -6.30 -9.75
C THR A 442 -3.11 -6.33 -9.41
N SER A 443 -1.92 -6.88 -9.60
CA SER A 443 -0.83 -6.15 -10.27
C SER A 443 -0.90 -6.25 -11.79
N THR A 444 -0.32 -5.19 -12.38
CA THR A 444 0.04 -5.11 -13.77
C THR A 444 1.53 -4.79 -13.79
N VAL A 445 2.32 -5.60 -14.47
CA VAL A 445 3.78 -5.45 -14.47
C VAL A 445 4.26 -5.05 -15.85
N PHE A 446 4.68 -3.80 -15.96
CA PHE A 446 5.25 -3.23 -17.17
C PHE A 446 6.79 -3.31 -17.12
N TYR A 447 7.40 -3.77 -18.22
CA TYR A 447 8.86 -3.84 -18.31
C TYR A 447 9.23 -3.19 -19.67
N PRO A 448 9.24 -1.87 -19.69
CA PRO A 448 9.48 -1.17 -20.96
C PRO A 448 10.92 -1.36 -21.39
N SER A 449 11.12 -1.56 -22.73
CA SER A 449 12.47 -1.81 -23.22
C SER A 449 13.16 -0.62 -23.84
N ASP A 450 12.45 0.47 -24.13
CA ASP A 450 13.07 1.69 -24.62
C ASP A 450 12.25 2.88 -24.09
N GLY A 451 12.68 4.07 -24.47
CA GLY A 451 12.03 5.26 -23.97
C GLY A 451 10.61 5.44 -24.44
N VAL A 452 10.29 5.03 -25.69
CA VAL A 452 8.93 5.10 -26.16
C VAL A 452 8.03 4.20 -25.35
N ALA A 453 8.43 2.94 -25.20
CA ALA A 453 7.60 2.02 -24.40
C ALA A 453 7.45 2.52 -22.97
N THR A 454 8.48 3.18 -22.42
CA THR A 454 8.37 3.69 -21.07
C THR A 454 7.29 4.77 -20.97
N GLU A 455 7.29 5.74 -21.87
CA GLU A 455 6.27 6.78 -21.86
C GLU A 455 4.88 6.18 -21.98
N LYS A 456 4.74 5.21 -22.88
CA LYS A 456 3.45 4.57 -23.03
C LYS A 456 3.06 3.80 -21.78
N ALA A 457 4.00 3.14 -21.12
CA ALA A 457 3.70 2.45 -19.88
C ALA A 457 3.23 3.42 -18.78
N VAL A 458 3.85 4.57 -18.67
CA VAL A 458 3.42 5.55 -17.67
C VAL A 458 1.98 5.96 -17.92
N GLU A 459 1.63 6.26 -19.19
CA GLU A 459 0.27 6.66 -19.52
C GLU A 459 -0.69 5.54 -19.25
N LEU A 460 -0.38 4.31 -19.69
CA LEU A 460 -1.30 3.22 -19.42
C LEU A 460 -1.45 2.97 -17.92
N ALA A 461 -0.39 2.98 -17.15
CA ALA A 461 -0.47 2.76 -15.71
C ALA A 461 -1.39 3.74 -15.06
N ALA A 462 -1.29 5.00 -15.49
CA ALA A 462 -2.12 6.03 -14.85
C ALA A 462 -3.61 5.71 -14.94
N ASN A 463 -4.02 5.06 -16.02
CA ASN A 463 -5.40 4.73 -16.28
C ASN A 463 -5.75 3.29 -15.98
N THR A 464 -4.89 2.56 -15.31
CA THR A 464 -5.12 1.15 -15.00
C THR A 464 -5.31 1.03 -13.49
N LYS A 465 -6.38 0.32 -13.08
CA LYS A 465 -6.64 0.04 -11.69
C LYS A 465 -5.66 -1.02 -11.15
N GLY A 466 -5.51 -1.04 -9.84
CA GLY A 466 -4.71 -2.02 -9.14
C GLY A 466 -3.28 -1.56 -8.89
N ILE A 467 -2.41 -2.52 -8.56
CA ILE A 467 -1.03 -2.22 -8.25
C ILE A 467 -0.23 -2.23 -9.57
N CYS A 468 0.11 -1.10 -10.13
CA CYS A 468 0.89 -1.02 -11.36
C CYS A 468 2.37 -0.85 -11.01
N PHE A 469 3.20 -1.74 -11.56
CA PHE A 469 4.63 -1.69 -11.39
C PHE A 469 5.29 -1.45 -12.77
N ILE A 470 6.21 -0.50 -12.82
CA ILE A 470 7.03 -0.23 -14.00
C ILE A 470 8.50 -0.44 -13.63
N ARG A 471 9.13 -1.39 -14.30
CA ARG A 471 10.51 -1.77 -14.05
C ARG A 471 11.42 -0.98 -15.01
N THR A 472 12.23 -0.07 -14.47
CA THR A 472 13.15 0.71 -15.30
C THR A 472 14.59 0.27 -15.05
N SER A 473 15.43 0.72 -15.98
CA SER A 473 16.79 0.24 -16.13
C SER A 473 17.80 1.40 -16.17
N ARG A 474 18.93 1.14 -15.51
N ARG A 474 19.08 1.07 -15.92
CA ARG A 474 19.94 2.17 -15.28
CA ARG A 474 20.18 2.02 -16.06
C ARG A 474 20.71 2.57 -16.55
C ARG A 474 20.90 2.13 -17.39
N PRO A 475 21.25 1.66 -17.35
N PRO A 475 21.19 1.09 -18.16
CA PRO A 475 22.03 2.07 -18.54
CA PRO A 475 21.87 1.23 -19.44
C PRO A 475 21.16 2.55 -19.69
C PRO A 475 21.16 2.14 -20.45
N GLU A 476 21.77 3.28 -20.62
N GLU A 476 21.93 2.94 -21.18
CA GLU A 476 21.13 3.64 -21.87
CA GLU A 476 21.38 3.83 -22.18
C GLU A 476 21.08 2.55 -22.95
C GLU A 476 21.13 3.07 -23.47
N ASN A 477 19.94 2.50 -23.63
CA ASN A 477 19.76 1.65 -24.80
C ASN A 477 19.07 2.45 -25.92
N ALA A 478 19.22 1.94 -27.12
CA ALA A 478 18.59 2.57 -28.25
C ALA A 478 17.07 2.54 -28.22
N ILE A 479 16.53 3.64 -28.77
CA ILE A 479 15.13 3.68 -29.12
C ILE A 479 14.93 2.76 -30.34
N ILE A 480 14.00 1.86 -30.21
CA ILE A 480 13.71 0.92 -31.29
C ILE A 480 12.30 1.10 -31.82
N TYR A 481 11.36 1.71 -31.07
CA TYR A 481 9.98 1.87 -31.54
C TYR A 481 9.73 3.24 -32.14
N ASN A 482 8.92 3.28 -33.20
CA ASN A 482 8.40 4.57 -33.68
C ASN A 482 7.56 5.22 -32.58
N ASN A 483 7.53 6.56 -32.60
N ASN A 483 7.52 6.55 -32.49
CA ASN A 483 6.79 7.33 -31.61
CA ASN A 483 6.84 7.07 -31.28
C ASN A 483 5.30 7.04 -31.69
C ASN A 483 5.33 6.91 -31.36
N ASN A 484 4.79 6.67 -32.86
N ASN A 484 4.81 6.63 -32.54
CA ASN A 484 3.37 6.37 -32.99
CA ASN A 484 3.39 6.40 -32.77
C ASN A 484 3.04 4.89 -32.87
C ASN A 484 3.00 4.92 -32.66
N GLU A 485 3.96 4.06 -32.36
CA GLU A 485 3.64 2.65 -32.11
C GLU A 485 2.53 2.52 -31.05
N ASP A 486 1.48 1.76 -31.30
CA ASP A 486 0.41 1.56 -30.34
C ASP A 486 0.83 0.55 -29.27
N PHE A 487 0.64 0.85 -28.02
CA PHE A 487 0.97 -0.06 -26.93
C PHE A 487 -0.28 -0.31 -26.11
N GLN A 488 -0.42 -1.52 -25.60
N GLN A 488 -0.53 -1.51 -25.62
CA GLN A 488 -1.55 -1.94 -24.80
CA GLN A 488 -1.64 -1.71 -24.69
C GLN A 488 -1.13 -2.91 -23.69
C GLN A 488 -1.26 -2.85 -23.74
N VAL A 489 -1.84 -2.85 -22.54
CA VAL A 489 -1.61 -3.85 -21.52
C VAL A 489 -1.94 -5.22 -22.14
N GLY A 490 -1.10 -6.16 -22.00
CA GLY A 490 -1.22 -7.55 -22.43
C GLY A 490 -0.89 -7.78 -23.88
N GLN A 491 -0.29 -6.81 -24.53
CA GLN A 491 0.10 -6.93 -25.93
C GLN A 491 1.62 -6.78 -26.05
N ALA A 492 2.23 -7.87 -26.50
CA ALA A 492 3.68 -7.90 -26.77
C ALA A 492 3.93 -7.39 -28.20
N LYS A 493 5.21 -7.30 -28.52
CA LYS A 493 5.65 -6.87 -29.83
C LYS A 493 6.71 -7.83 -30.38
N VAL A 494 6.53 -8.25 -31.61
CA VAL A 494 7.63 -8.89 -32.33
C VAL A 494 8.49 -7.80 -32.99
N VAL A 495 9.74 -7.71 -32.54
CA VAL A 495 10.65 -6.66 -32.98
C VAL A 495 11.67 -7.15 -34.03
N LEU A 496 11.76 -8.44 -34.27
CA LEU A 496 12.58 -8.96 -35.33
C LEU A 496 11.95 -10.28 -35.78
N LYS A 497 11.74 -10.41 -37.07
CA LYS A 497 11.25 -11.66 -37.63
C LYS A 497 11.74 -11.82 -39.09
N SER A 498 11.75 -13.08 -39.48
CA SER A 498 12.07 -13.53 -40.82
C SER A 498 11.35 -14.81 -41.10
N LYS A 499 11.21 -15.20 -42.37
CA LYS A 499 10.48 -16.46 -42.51
C LYS A 499 11.30 -17.64 -42.03
N ASP A 500 12.63 -17.52 -42.01
CA ASP A 500 13.44 -18.67 -41.61
C ASP A 500 13.84 -18.73 -40.12
N ASP A 501 13.02 -18.20 -39.23
CA ASP A 501 13.36 -18.07 -37.82
C ASP A 501 13.32 -19.42 -37.10
N GLN A 502 14.35 -19.70 -36.31
CA GLN A 502 14.48 -21.03 -35.72
C GLN A 502 14.20 -21.12 -34.24
N VAL A 503 14.08 -19.96 -33.60
N VAL A 503 14.17 -19.97 -33.58
CA VAL A 503 13.62 -19.93 -32.22
CA VAL A 503 13.87 -19.87 -32.15
C VAL A 503 13.17 -18.52 -31.87
C VAL A 503 13.06 -18.57 -31.98
N THR A 504 12.12 -18.48 -31.04
CA THR A 504 11.55 -17.21 -30.61
C THR A 504 12.31 -16.86 -29.32
N VAL A 505 13.00 -15.75 -29.32
CA VAL A 505 13.76 -15.27 -28.15
C VAL A 505 12.97 -14.14 -27.52
N ILE A 506 12.61 -14.33 -26.25
CA ILE A 506 11.86 -13.32 -25.47
C ILE A 506 12.82 -12.66 -24.52
N GLY A 507 12.99 -11.35 -24.66
CA GLY A 507 13.83 -10.62 -23.71
C GLY A 507 13.08 -9.34 -23.36
N ALA A 508 13.64 -8.56 -22.43
CA ALA A 508 12.99 -7.33 -21.98
C ALA A 508 14.09 -6.48 -21.42
N GLY A 509 14.00 -5.18 -21.45
CA GLY A 509 14.96 -4.20 -21.08
C GLY A 509 16.27 -4.56 -21.73
N VAL A 510 17.32 -4.57 -20.93
N VAL A 510 17.30 -4.58 -20.90
CA VAL A 510 18.64 -4.82 -21.50
CA VAL A 510 18.67 -4.85 -21.34
C VAL A 510 18.68 -6.15 -22.21
C VAL A 510 18.74 -6.16 -22.11
N THR A 511 17.93 -7.18 -21.77
CA THR A 511 18.09 -8.44 -22.48
C THR A 511 17.38 -8.43 -23.83
N LEU A 512 16.43 -7.53 -24.07
CA LEU A 512 15.88 -7.39 -25.41
C LEU A 512 17.00 -6.89 -26.35
N HIS A 513 17.67 -5.87 -25.91
CA HIS A 513 18.78 -5.35 -26.68
C HIS A 513 19.91 -6.34 -26.88
N GLU A 514 20.21 -7.15 -25.86
CA GLU A 514 21.14 -8.22 -26.05
C GLU A 514 20.62 -9.25 -27.06
N ALA A 515 19.33 -9.54 -27.05
CA ALA A 515 18.78 -10.47 -28.04
C ALA A 515 18.89 -9.93 -29.44
N LEU A 516 18.65 -8.64 -29.64
CA LEU A 516 18.87 -8.03 -30.96
C LEU A 516 20.32 -8.13 -31.38
N ALA A 517 21.22 -7.93 -30.44
CA ALA A 517 22.66 -8.06 -30.76
C ALA A 517 23.00 -9.48 -31.10
N ALA A 518 22.40 -10.45 -30.41
CA ALA A 518 22.62 -11.87 -30.68
C ALA A 518 22.13 -12.18 -32.07
N ALA A 519 20.97 -11.59 -32.47
CA ALA A 519 20.40 -11.89 -33.81
C ALA A 519 21.42 -11.47 -34.86
N GLU A 520 22.09 -10.34 -34.63
CA GLU A 520 23.06 -9.89 -35.61
C GLU A 520 24.28 -10.82 -35.66
N LEU A 521 24.73 -11.35 -34.53
CA LEU A 521 25.77 -12.35 -34.45
C LEU A 521 25.44 -13.62 -35.21
N LEU A 522 24.20 -14.06 -34.98
CA LEU A 522 23.75 -15.30 -35.55
C LEU A 522 23.56 -15.19 -37.04
N LYS A 523 23.23 -14.02 -37.54
CA LYS A 523 23.01 -13.87 -38.99
C LYS A 523 24.28 -14.16 -39.79
N LYS A 524 25.40 -13.91 -39.15
CA LYS A 524 26.73 -14.21 -39.69
C LYS A 524 26.88 -15.71 -40.04
N GLU A 525 26.19 -16.52 -39.20
CA GLU A 525 26.14 -18.00 -39.29
C GLU A 525 24.88 -18.48 -40.03
N LYS A 526 24.21 -17.53 -40.67
CA LYS A 526 22.99 -17.81 -41.40
C LYS A 526 21.97 -18.48 -40.50
N ILE A 527 21.90 -17.96 -39.24
CA ILE A 527 20.82 -18.33 -38.35
C ILE A 527 19.95 -17.12 -38.00
N ASN A 528 18.67 -17.16 -38.25
CA ASN A 528 17.65 -16.20 -37.91
C ASN A 528 16.83 -16.57 -36.68
N ILE A 529 16.59 -15.55 -35.85
CA ILE A 529 15.80 -15.70 -34.65
C ILE A 529 14.71 -14.65 -34.63
N ARG A 530 13.53 -15.05 -34.13
CA ARG A 530 12.46 -14.10 -33.87
C ARG A 530 12.70 -13.45 -32.50
N VAL A 531 12.50 -12.13 -32.38
CA VAL A 531 12.73 -11.52 -31.09
C VAL A 531 11.42 -10.87 -30.65
N LEU A 532 10.99 -11.16 -29.44
CA LEU A 532 9.72 -10.73 -28.90
C LEU A 532 9.98 -9.94 -27.60
N ASP A 533 9.34 -8.78 -27.50
CA ASP A 533 9.37 -7.88 -26.34
C ASP A 533 8.04 -7.97 -25.64
N PRO A 534 7.93 -8.56 -24.44
N PRO A 534 7.93 -8.49 -24.42
CA PRO A 534 6.59 -8.73 -23.85
CA PRO A 534 6.62 -8.71 -23.77
C PRO A 534 5.77 -7.46 -23.54
C PRO A 534 5.77 -7.48 -23.46
N PHE A 535 6.45 -6.38 -23.16
CA PHE A 535 5.88 -5.07 -22.76
C PHE A 535 5.30 -5.17 -21.35
N THR A 536 4.26 -6.00 -21.18
CA THR A 536 3.83 -6.40 -19.86
C THR A 536 4.19 -7.84 -19.58
N ILE A 537 4.81 -8.06 -18.43
CA ILE A 537 5.10 -9.41 -17.96
C ILE A 537 3.85 -10.02 -17.34
N LYS A 538 2.98 -9.17 -16.79
CA LYS A 538 1.69 -9.60 -16.22
C LYS A 538 0.69 -8.53 -16.59
N PRO A 539 -0.32 -8.81 -17.40
CA PRO A 539 -0.56 -10.07 -18.07
C PRO A 539 0.34 -10.32 -19.28
N LEU A 540 0.67 -11.56 -19.57
N LEU A 540 0.55 -11.59 -19.54
CA LEU A 540 1.57 -11.95 -20.66
CA LEU A 540 1.31 -12.01 -20.71
C LEU A 540 0.77 -12.27 -21.91
C LEU A 540 0.45 -12.08 -21.98
N ASP A 541 1.14 -11.76 -23.07
CA ASP A 541 0.51 -11.96 -24.37
C ASP A 541 0.79 -13.41 -24.82
N ARG A 542 0.03 -14.31 -24.20
CA ARG A 542 0.20 -15.71 -24.48
C ARG A 542 -0.09 -15.98 -25.95
N LYS A 543 -1.06 -15.33 -26.56
CA LYS A 543 -1.40 -15.61 -27.96
C LYS A 543 -0.20 -15.32 -28.85
N LEU A 544 0.45 -14.16 -28.75
CA LEU A 544 1.54 -13.80 -29.65
C LEU A 544 2.76 -14.67 -29.38
N ILE A 545 2.99 -15.02 -28.11
CA ILE A 545 4.08 -15.94 -27.80
C ILE A 545 3.92 -17.30 -28.48
N LEU A 546 2.71 -17.87 -28.38
CA LEU A 546 2.47 -19.18 -28.99
C LEU A 546 2.48 -19.11 -30.50
N ASP A 547 1.93 -18.04 -31.04
CA ASP A 547 1.92 -17.92 -32.50
C ASP A 547 3.34 -17.83 -33.03
N SER A 548 4.11 -17.07 -32.25
CA SER A 548 5.53 -16.91 -32.59
C SER A 548 6.20 -18.27 -32.51
N ALA A 549 5.95 -18.96 -31.39
CA ALA A 549 6.61 -20.25 -31.22
C ALA A 549 6.22 -21.22 -32.33
N ARG A 550 4.98 -21.17 -32.77
CA ARG A 550 4.58 -22.09 -33.89
C ARG A 550 5.31 -21.81 -35.16
N ALA A 551 5.78 -20.57 -35.33
CA ALA A 551 6.56 -20.18 -36.48
C ALA A 551 8.04 -20.50 -36.38
N THR A 552 8.56 -20.86 -35.21
CA THR A 552 9.96 -21.10 -34.99
C THR A 552 10.14 -22.49 -34.34
N LYS A 553 9.50 -23.47 -35.00
CA LYS A 553 9.66 -24.88 -34.67
C LYS A 553 9.29 -25.22 -33.24
N GLY A 554 8.37 -24.45 -32.65
CA GLY A 554 7.93 -24.66 -31.29
C GLY A 554 8.85 -24.15 -30.21
N ARG A 555 10.00 -23.60 -30.59
CA ARG A 555 10.99 -23.27 -29.60
C ARG A 555 10.90 -21.84 -29.09
N ILE A 556 10.92 -21.72 -27.77
CA ILE A 556 11.03 -20.46 -27.07
C ILE A 556 12.27 -20.48 -26.17
N LEU A 557 12.97 -19.33 -26.24
CA LEU A 557 14.04 -19.04 -25.32
C LEU A 557 13.74 -17.72 -24.62
N THR A 558 13.69 -17.76 -23.28
CA THR A 558 13.52 -16.55 -22.47
C THR A 558 14.86 -16.14 -21.88
N VAL A 559 15.13 -14.82 -21.88
CA VAL A 559 16.36 -14.32 -21.29
C VAL A 559 16.05 -13.09 -20.47
N GLU A 560 16.47 -13.09 -19.18
CA GLU A 560 16.03 -12.03 -18.27
C GLU A 560 17.13 -11.69 -17.25
N ASP A 561 17.15 -10.38 -16.92
CA ASP A 561 18.02 -9.84 -15.89
C ASP A 561 17.26 -9.86 -14.54
N HIS A 562 17.13 -11.09 -14.04
CA HIS A 562 16.31 -11.44 -12.90
C HIS A 562 16.70 -12.85 -12.48
N TYR A 563 16.40 -13.26 -11.25
CA TYR A 563 16.58 -14.64 -10.85
C TYR A 563 15.62 -15.56 -11.59
N TYR A 564 15.88 -16.88 -11.54
CA TYR A 564 15.08 -17.82 -12.31
C TYR A 564 13.67 -17.91 -11.79
N GLU A 565 13.43 -17.78 -10.48
CA GLU A 565 12.13 -18.04 -9.93
C GLU A 565 11.21 -16.82 -9.97
N GLY A 566 10.00 -17.00 -10.50
CA GLY A 566 8.99 -16.00 -10.49
C GLY A 566 9.04 -14.91 -11.50
N GLY A 567 9.97 -15.00 -12.42
CA GLY A 567 10.19 -13.96 -13.44
C GLY A 567 9.57 -14.31 -14.81
N ILE A 568 10.25 -13.78 -15.83
CA ILE A 568 9.74 -13.89 -17.19
C ILE A 568 9.72 -15.33 -17.65
N GLY A 569 10.82 -16.06 -17.43
CA GLY A 569 10.87 -17.46 -17.84
C GLY A 569 9.79 -18.33 -17.20
N GLU A 570 9.57 -18.16 -15.90
CA GLU A 570 8.50 -18.93 -15.26
C GLU A 570 7.12 -18.50 -15.70
N ALA A 571 6.94 -17.19 -15.94
CA ALA A 571 5.64 -16.77 -16.45
C ALA A 571 5.35 -17.39 -17.80
N VAL A 572 6.35 -17.37 -18.69
CA VAL A 572 6.16 -17.94 -20.03
C VAL A 572 5.89 -19.43 -19.92
N SER A 573 6.69 -20.14 -19.13
CA SER A 573 6.55 -21.59 -18.96
C SER A 573 5.16 -21.93 -18.46
N SER A 574 4.64 -21.20 -17.47
N SER A 574 4.65 -21.19 -17.49
CA SER A 574 3.32 -21.57 -16.93
CA SER A 574 3.33 -21.53 -16.90
C SER A 574 2.27 -21.29 -17.99
C SER A 574 2.22 -21.14 -17.86
N ALA A 575 2.50 -20.26 -18.84
CA ALA A 575 1.53 -19.91 -19.86
C ALA A 575 1.38 -20.96 -20.95
N VAL A 576 2.48 -21.63 -21.27
CA VAL A 576 2.44 -22.54 -22.41
C VAL A 576 2.68 -24.01 -22.13
N VAL A 577 2.96 -24.38 -20.88
CA VAL A 577 3.20 -25.76 -20.57
C VAL A 577 2.03 -26.61 -21.12
N GLY A 578 2.40 -27.70 -21.83
CA GLY A 578 1.47 -28.67 -22.40
C GLY A 578 1.14 -28.49 -23.89
N GLU A 579 1.55 -27.36 -24.50
CA GLU A 579 1.19 -27.08 -25.86
C GLU A 579 2.10 -27.89 -26.79
N PRO A 580 1.52 -28.63 -27.73
CA PRO A 580 2.40 -29.61 -28.32
C PRO A 580 3.42 -28.94 -29.25
N GLY A 581 4.58 -29.59 -29.20
CA GLY A 581 5.75 -29.19 -29.90
C GLY A 581 6.28 -27.87 -29.34
N ILE A 582 5.74 -27.38 -28.20
CA ILE A 582 6.24 -26.14 -27.58
C ILE A 582 7.26 -26.52 -26.50
N THR A 583 8.47 -25.98 -26.69
CA THR A 583 9.54 -26.08 -25.71
C THR A 583 9.97 -24.70 -25.23
N VAL A 584 10.29 -24.56 -23.95
CA VAL A 584 10.76 -23.31 -23.39
C VAL A 584 12.09 -23.60 -22.71
N THR A 585 13.09 -22.84 -23.07
CA THR A 585 14.45 -22.81 -22.50
C THR A 585 14.70 -21.48 -21.81
N HIS A 586 15.56 -21.47 -20.80
N HIS A 586 15.39 -21.43 -20.67
CA HIS A 586 15.58 -20.27 -19.97
CA HIS A 586 15.50 -20.21 -19.86
C HIS A 586 16.96 -19.84 -19.51
C HIS A 586 16.99 -19.87 -19.74
N LEU A 587 17.25 -18.57 -19.79
CA LEU A 587 18.47 -17.95 -19.35
C LEU A 587 18.10 -16.84 -18.30
N ALA A 588 18.74 -16.90 -17.15
CA ALA A 588 18.49 -15.93 -16.07
C ALA A 588 19.73 -15.90 -15.19
N VAL A 589 19.66 -15.16 -14.10
CA VAL A 589 20.78 -14.99 -13.17
C VAL A 589 20.69 -16.05 -12.10
N ASN A 590 21.72 -16.88 -11.91
CA ASN A 590 21.58 -18.08 -11.09
C ASN A 590 22.00 -17.91 -9.63
N ARG A 591 22.50 -16.76 -9.22
CA ARG A 591 23.06 -16.60 -7.87
C ARG A 591 23.28 -15.14 -7.59
N VAL A 592 23.55 -14.80 -6.32
CA VAL A 592 23.86 -13.46 -5.94
C VAL A 592 25.01 -12.91 -6.81
N PRO A 593 24.85 -11.77 -7.47
CA PRO A 593 25.93 -11.21 -8.26
C PRO A 593 26.98 -10.51 -7.44
N ARG A 594 27.74 -9.62 -8.13
CA ARG A 594 28.98 -9.03 -7.69
C ARG A 594 29.24 -7.78 -8.54
N SER A 595 30.23 -6.98 -8.23
CA SER A 595 30.50 -5.75 -8.95
C SER A 595 31.32 -5.98 -10.19
N GLY A 596 31.01 -5.19 -11.24
CA GLY A 596 31.80 -5.11 -12.44
C GLY A 596 31.08 -4.17 -13.40
N LYS A 597 31.62 -4.00 -14.60
CA LYS A 597 30.91 -3.20 -15.59
C LYS A 597 29.62 -3.91 -16.02
N PRO A 598 28.60 -3.17 -16.41
CA PRO A 598 27.36 -3.79 -16.90
C PRO A 598 27.59 -4.92 -17.88
N ALA A 599 28.38 -4.69 -18.93
CA ALA A 599 28.55 -5.74 -19.95
C ALA A 599 29.27 -6.96 -19.38
N GLU A 600 30.20 -6.72 -18.48
CA GLU A 600 30.94 -7.84 -17.85
C GLU A 600 30.01 -8.72 -17.00
N LEU A 601 29.08 -8.08 -16.29
CA LEU A 601 28.16 -8.85 -15.46
C LEU A 601 27.11 -9.58 -16.29
N LEU A 602 26.64 -8.97 -17.37
CA LEU A 602 25.71 -9.68 -18.28
C LEU A 602 26.38 -10.95 -18.83
N LYS A 603 27.68 -10.82 -19.11
CA LYS A 603 28.47 -11.98 -19.55
C LYS A 603 28.64 -13.00 -18.45
N MET A 604 29.11 -12.57 -17.29
CA MET A 604 29.34 -13.49 -16.17
C MET A 604 28.08 -14.31 -15.81
N PHE A 605 26.96 -13.64 -15.84
CA PHE A 605 25.69 -14.28 -15.41
C PHE A 605 24.88 -14.83 -16.57
N GLY A 606 25.45 -14.88 -17.77
CA GLY A 606 24.87 -15.75 -18.81
C GLY A 606 23.63 -15.22 -19.50
N ILE A 607 23.53 -13.87 -19.62
CA ILE A 607 22.34 -13.26 -20.17
C ILE A 607 22.63 -12.19 -21.21
N ASP A 608 23.85 -12.25 -21.77
CA ASP A 608 24.22 -11.33 -22.84
C ASP A 608 24.07 -12.00 -24.21
N ARG A 609 24.47 -11.21 -25.21
CA ARG A 609 24.33 -11.60 -26.61
C ARG A 609 25.05 -12.92 -26.91
N ASP A 610 26.23 -13.13 -26.37
CA ASP A 610 26.93 -14.41 -26.60
C ASP A 610 26.24 -15.58 -25.90
N ALA A 611 25.68 -15.38 -24.72
CA ALA A 611 24.95 -16.47 -24.06
C ALA A 611 23.67 -16.85 -24.84
N ILE A 612 22.99 -15.86 -25.38
CA ILE A 612 21.76 -16.07 -26.13
C ILE A 612 22.11 -16.85 -27.42
N ALA A 613 23.15 -16.40 -28.09
CA ALA A 613 23.55 -17.03 -29.34
C ALA A 613 23.84 -18.52 -29.11
N GLN A 614 24.56 -18.80 -28.05
CA GLN A 614 24.97 -20.17 -27.72
C GLN A 614 23.76 -21.01 -27.39
N ALA A 615 22.80 -20.52 -26.65
CA ALA A 615 21.56 -21.21 -26.34
C ALA A 615 20.73 -21.50 -27.59
N VAL A 616 20.67 -20.52 -28.51
CA VAL A 616 19.96 -20.72 -29.78
C VAL A 616 20.59 -21.87 -30.55
N ARG A 617 21.91 -21.88 -30.74
CA ARG A 617 22.56 -22.96 -31.45
C ARG A 617 22.30 -24.32 -30.83
N GLY A 618 22.27 -24.34 -29.49
CA GLY A 618 22.10 -25.64 -28.87
C GLY A 618 20.72 -26.21 -29.04
N LEU A 619 19.76 -25.32 -29.20
CA LEU A 619 18.41 -25.80 -29.44
C LEU A 619 18.26 -26.37 -30.85
N ILE A 620 18.96 -25.68 -31.75
CA ILE A 620 18.87 -26.04 -33.17
C ILE A 620 19.47 -27.45 -33.30
N THR A 621 20.61 -27.61 -32.67
CA THR A 621 21.48 -28.77 -32.58
C THR A 621 21.24 -29.55 -31.28
O8 1Y7 B . -4.42 -18.32 15.03
P1 1Y7 B . -4.43 -18.47 16.52
O9 1Y7 B . -3.20 -19.10 17.13
O10 1Y7 B . -5.65 -19.18 16.99
O7 1Y7 B . -4.37 -16.95 17.26
C7 1Y7 B . -5.51 -16.07 17.00
C6 1Y7 B . -5.04 -14.66 16.80
O6 1Y7 B . -4.50 -14.10 17.97
C5 1Y7 B . -4.13 -14.52 15.61
O5 1Y7 B . -4.40 -15.48 14.68
C4 1Y7 B . -4.07 -13.25 14.96
O4 1Y7 B . -5.43 -12.83 14.74
C3 1Y7 B . -3.27 -12.14 15.69
O3 1Y7 B . -3.99 -11.79 16.93
C2 1Y7 B . -3.01 -10.72 14.87
O2 1Y7 B . -2.50 -11.24 13.73
C1 1Y7 B . -4.38 -10.05 14.72
O1 1Y7 B . -4.23 -9.02 13.69
N1' TPP C . 2.91 -8.85 12.92
C2' TPP C . 2.19 -8.02 12.15
CM2 TPP C . 2.94 -7.16 11.18
N3' TPP C . 0.85 -7.96 12.18
C4' TPP C . 0.19 -8.82 12.99
N4' TPP C . -1.13 -8.84 12.89
C5' TPP C . 0.89 -9.70 13.90
C6' TPP C . 2.26 -9.66 13.81
C7' TPP C . 0.20 -10.75 14.75
N3 TPP C . -0.66 -10.13 15.80
C2 TPP C . -2.02 -9.91 15.67
S1 TPP C . -2.57 -8.80 16.92
C5 TPP C . -1.00 -8.82 17.71
C4 TPP C . -0.13 -9.55 16.97
CM4 TPP C . 1.36 -9.89 17.33
C6 TPP C . -0.76 -8.15 18.98
C7 TPP C . -1.13 -6.64 18.91
O7 TPP C . -0.92 -6.09 20.22
PA TPP C . -1.22 -4.54 20.38
O1A TPP C . -0.69 -3.74 19.26
O2A TPP C . -0.79 -4.20 21.77
O3A TPP C . -2.85 -4.45 20.29
PB TPP C . -3.98 -4.80 21.39
O1B TPP C . -3.30 -5.00 22.74
O2B TPP C . -4.63 -6.06 20.89
O3B TPP C . -4.85 -3.59 21.40
C1 EDO D . -1.42 0.79 3.85
C1 EDO D . -1.88 1.43 4.08
O1 EDO D . -0.53 1.40 4.82
O1 EDO D . -2.07 1.17 5.50
C2 EDO D . -0.54 0.35 2.74
C2 EDO D . -1.16 0.26 3.52
O2 EDO D . -1.17 -0.64 1.95
O2 EDO D . 0.16 0.31 3.98
C1 EDO E . -22.03 -4.90 5.75
O1 EDO E . -22.25 -5.74 4.59
C2 EDO E . -20.62 -4.48 5.71
O2 EDO E . -20.13 -3.80 4.62
C1 EDO F . 10.12 1.60 17.93
O1 EDO F . 9.42 1.30 19.08
C2 EDO F . 10.48 0.45 17.14
O2 EDO F . 10.55 -0.87 17.74
C1 EDO G . 28.17 -21.28 -10.39
O1 EDO G . 26.88 -21.82 -10.13
C2 EDO G . 28.52 -21.45 -11.81
O2 EDO G . 27.40 -21.11 -12.60
C1 EDO H . -24.02 -1.67 17.76
C1 EDO H . -24.22 -1.45 18.25
O1 EDO H . -25.38 -2.20 17.89
O1 EDO H . -25.19 -0.35 18.07
C2 EDO H . -23.58 -1.59 19.19
C2 EDO H . -23.90 -1.32 19.70
O2 EDO H . -24.63 -2.14 19.99
O2 EDO H . -25.06 -0.79 20.31
C1 EDO I . -2.77 -15.17 24.51
C1 EDO I . -2.84 -14.99 24.49
O1 EDO I . -2.73 -13.85 25.10
O1 EDO I . -3.83 -15.66 23.66
C2 EDO I . -1.45 -15.82 24.48
C2 EDO I . -2.07 -16.07 25.13
O2 EDO I . -0.89 -16.29 25.73
O2 EDO I . -0.83 -15.78 25.75
C1 EDO J . 7.03 1.43 22.11
C1 EDO J . 7.26 0.88 21.52
O1 EDO J . 7.30 0.31 21.23
O1 EDO J . 7.99 0.60 22.76
C2 EDO J . 7.28 2.72 21.38
C2 EDO J . 7.48 2.33 21.22
O2 EDO J . 8.63 2.93 21.03
O2 EDO J . 8.83 2.60 20.88
C1 EDO K . 23.39 -20.29 -15.64
O1 EDO K . 22.41 -19.32 -15.17
C2 EDO K . 24.06 -19.83 -16.88
O2 EDO K . 23.23 -19.75 -18.05
C1 EDO L . -11.03 0.99 9.33
O1 EDO L . -9.70 1.55 9.13
C2 EDO L . -12.03 2.08 9.01
O2 EDO L . -12.09 3.09 9.98
C1 EDO M . -15.53 7.94 7.61
O1 EDO M . -15.04 8.98 6.73
C2 EDO M . -14.41 7.43 8.52
O2 EDO M . -13.13 7.19 7.85
MG MG N . -1.76 -3.81 23.53
C1 EDO O . 35.60 -1.46 -13.27
O1 EDO O . 34.25 -1.98 -12.99
C2 EDO O . 35.29 0.03 -13.12
O2 EDO O . 34.31 0.36 -14.11
NA NA P . -2.60 2.71 -12.15
C1 EDO Q . 18.81 -19.49 -7.90
O1 EDO Q . 17.83 -20.04 -7.01
C2 EDO Q . 18.48 -18.12 -8.38
O2 EDO Q . 17.68 -18.15 -9.55
#